data_6NJK
#
_entry.id   6NJK
#
_cell.length_a   54.694
_cell.length_b   107.390
_cell.length_c   59.457
_cell.angle_alpha   90.00
_cell.angle_beta   91.77
_cell.angle_gamma   90.00
#
_symmetry.space_group_name_H-M   'P 1 21 1'
#
loop_
_entity.id
_entity.type
_entity.pdbx_description
1 polymer beta-lactamase
2 non-polymer 'ACETATE ION'
3 water water
#
_entity_poly.entity_id   1
_entity_poly.type   'polypeptide(L)'
_entity_poly.pdbx_seq_one_letter_code
;SNAQSATSEQIVDIADASFAPVIEQYRIPGLVVGITWQGQHSFYATGVAARKGNVAATPDTIFELGSISKIFTATLAALA
EDRG(MSE)LDLDAPVSDSIPQLEGAAFGAIRLVDLSTHVTGGLPLQVPGEVGNVAELIRWLESWQPPQPGTRSYSNVSI
GLLGHITAQT(MSE)G(MSE)SFAQAAQDVLFPA(MSE)GLGSTYVDVPDDA(MSE)DRYAFGYDRKTDAPIRVNPGVLA
DEAYGVKSTARD(MSE)LRLLDLELGRGGANPALTAALERTRQGQAETAYYTQD(MSE)IWEQYPWPVDVAR(MSE)EAG
NGYDFILSPQPATRLTPPLPPQRDVILNKTGATNGFGGYVALLPGQDLGIVVLANRNYPNEARVRATHALITDLLATQD
;
_entity_poly.pdbx_strand_id   A,B
#
loop_
_chem_comp.id
_chem_comp.type
_chem_comp.name
_chem_comp.formula
ACT non-polymer 'ACETATE ION' 'C2 H3 O2 -1'
#
# COMPACT_ATOMS: atom_id res chain seq x y z
N SER A 5 8.60 -43.52 23.00
CA SER A 5 8.83 -42.10 22.70
C SER A 5 9.11 -41.89 21.22
N ALA A 6 8.20 -41.19 20.54
CA ALA A 6 8.24 -41.12 19.09
C ALA A 6 9.48 -40.41 18.57
N THR A 7 10.13 -41.00 17.58
CA THR A 7 11.27 -40.39 16.94
C THR A 7 10.81 -39.36 15.91
N SER A 8 11.75 -38.49 15.51
CA SER A 8 11.42 -37.49 14.50
C SER A 8 10.96 -38.14 13.21
N GLU A 9 11.53 -39.30 12.86
CA GLU A 9 11.12 -39.99 11.64
C GLU A 9 9.66 -40.42 11.69
N GLN A 10 9.21 -40.97 12.82
CA GLN A 10 7.80 -41.38 12.85
C GLN A 10 6.88 -40.18 13.01
N ILE A 11 7.35 -39.09 13.62
CA ILE A 11 6.56 -37.87 13.65
C ILE A 11 6.38 -37.32 12.24
N VAL A 12 7.45 -37.30 11.45
CA VAL A 12 7.35 -36.82 10.09
C VAL A 12 6.38 -37.69 9.29
N ASP A 13 6.43 -39.00 9.50
CA ASP A 13 5.52 -39.90 8.80
C ASP A 13 4.07 -39.66 9.24
N ILE A 14 3.84 -39.35 10.51
CA ILE A 14 2.49 -39.06 10.97
C ILE A 14 1.98 -37.76 10.36
N ALA A 15 2.83 -36.73 10.30
CA ALA A 15 2.44 -35.48 9.65
C ALA A 15 2.08 -35.73 8.19
N ASP A 16 2.91 -36.50 7.48
CA ASP A 16 2.64 -36.85 6.09
C ASP A 16 1.26 -37.48 5.95
N ALA A 17 0.98 -38.51 6.75
CA ALA A 17 -0.31 -39.20 6.62
C ALA A 17 -1.47 -38.29 6.97
N SER A 18 -1.27 -37.38 7.92
CA SER A 18 -2.35 -36.51 8.39
C SER A 18 -2.78 -35.49 7.34
N PHE A 19 -1.86 -35.06 6.45
CA PHE A 19 -2.19 -34.01 5.50
C PHE A 19 -2.25 -34.45 4.05
N ALA A 20 -1.91 -35.69 3.74
CA ALA A 20 -2.05 -36.13 2.36
C ALA A 20 -3.48 -35.93 1.84
N PRO A 21 -4.54 -36.29 2.57
CA PRO A 21 -5.88 -36.11 2.01
C PRO A 21 -6.26 -34.67 1.73
N VAL A 22 -5.97 -33.75 2.65
CA VAL A 22 -6.37 -32.37 2.44
C VAL A 22 -5.55 -31.74 1.33
N ILE A 23 -4.29 -32.15 1.16
CA ILE A 23 -3.46 -31.62 0.08
C ILE A 23 -4.03 -32.00 -1.27
N GLU A 24 -4.55 -33.22 -1.38
CA GLU A 24 -5.17 -33.64 -2.64
C GLU A 24 -6.52 -32.95 -2.82
N GLN A 25 -7.32 -32.90 -1.77
CA GLN A 25 -8.66 -32.33 -1.87
C GLN A 25 -8.63 -30.88 -2.37
N TYR A 26 -7.69 -30.08 -1.86
CA TYR A 26 -7.62 -28.66 -2.20
C TYR A 26 -6.44 -28.33 -3.12
N ARG A 27 -5.83 -29.35 -3.71
CA ARG A 27 -4.72 -29.18 -4.66
C ARG A 27 -3.69 -28.18 -4.14
N ILE A 28 -3.22 -28.44 -2.92
CA ILE A 28 -2.26 -27.54 -2.27
C ILE A 28 -0.90 -27.72 -2.92
N PRO A 29 -0.32 -26.69 -3.54
CA PRO A 29 0.96 -26.92 -4.24
C PRO A 29 2.10 -27.27 -3.30
N GLY A 30 2.19 -26.62 -2.15
CA GLY A 30 3.26 -26.82 -1.21
C GLY A 30 2.77 -26.65 0.22
N LEU A 31 3.32 -27.44 1.14
CA LEU A 31 2.85 -27.41 2.51
C LEU A 31 4.00 -27.86 3.41
N VAL A 32 4.17 -27.15 4.51
CA VAL A 32 5.20 -27.49 5.48
C VAL A 32 4.55 -27.56 6.85
N VAL A 33 4.82 -28.65 7.56
CA VAL A 33 4.38 -28.80 8.94
C VAL A 33 5.61 -28.74 9.83
N GLY A 34 5.56 -27.89 10.85
CA GLY A 34 6.58 -27.86 11.89
C GLY A 34 5.96 -28.33 13.19
N ILE A 35 6.68 -29.19 13.91
CA ILE A 35 6.25 -29.71 15.20
C ILE A 35 7.38 -29.48 16.19
N THR A 36 7.08 -28.81 17.30
CA THR A 36 7.98 -28.77 18.45
C THR A 36 7.30 -29.55 19.58
N TRP A 37 7.98 -30.58 20.07
CA TRP A 37 7.39 -31.46 21.06
C TRP A 37 8.52 -31.97 21.93
N GLN A 38 8.40 -31.75 23.24
CA GLN A 38 9.45 -32.15 24.17
C GLN A 38 10.79 -31.53 23.79
N GLY A 39 10.73 -30.33 23.19
CA GLY A 39 11.91 -29.58 22.82
C GLY A 39 12.49 -29.93 21.46
N GLN A 40 11.96 -30.96 20.81
CA GLN A 40 12.48 -31.43 19.54
C GLN A 40 11.70 -30.80 18.39
N HIS A 41 12.41 -30.21 17.42
CA HIS A 41 11.79 -29.67 16.22
C HIS A 41 11.85 -30.69 15.11
N SER A 42 10.69 -30.99 14.53
CA SER A 42 10.56 -31.90 13.41
C SER A 42 9.78 -31.21 12.31
N PHE A 43 10.11 -31.55 11.06
CA PHE A 43 9.48 -30.90 9.91
C PHE A 43 9.05 -31.92 8.87
N TYR A 44 7.84 -31.71 8.34
CA TYR A 44 7.37 -32.40 7.15
C TYR A 44 7.16 -31.36 6.06
N ALA A 45 7.88 -31.50 4.96
CA ALA A 45 7.80 -30.55 3.86
C ALA A 45 7.51 -31.30 2.57
N THR A 46 6.55 -30.79 1.80
CA THR A 46 6.12 -31.48 0.59
C THR A 46 5.65 -30.46 -0.43
N GLY A 47 5.67 -30.85 -1.69
CA GLY A 47 5.22 -29.97 -2.75
C GLY A 47 6.24 -28.89 -3.09
N VAL A 48 5.73 -27.84 -3.73
CA VAL A 48 6.58 -26.76 -4.23
C VAL A 48 6.15 -25.41 -3.66
N ALA A 49 7.16 -24.60 -3.35
CA ALA A 49 6.94 -23.19 -3.04
C ALA A 49 6.54 -22.40 -4.27
N ALA A 50 6.99 -22.84 -5.44
CA ALA A 50 6.68 -22.17 -6.70
C ALA A 50 6.54 -23.24 -7.78
N ARG A 51 5.42 -23.22 -8.50
CA ARG A 51 5.24 -24.18 -9.58
C ARG A 51 6.22 -23.93 -10.72
N LYS A 52 6.43 -22.66 -11.07
CA LYS A 52 7.42 -22.30 -12.09
C LYS A 52 8.82 -22.59 -11.55
N GLY A 53 9.53 -23.50 -12.21
CA GLY A 53 10.83 -23.92 -11.75
C GLY A 53 10.81 -25.05 -10.74
N ASN A 54 9.63 -25.55 -10.39
CA ASN A 54 9.45 -26.62 -9.41
C ASN A 54 10.40 -26.47 -8.23
N VAL A 55 10.26 -25.33 -7.56
CA VAL A 55 11.10 -25.01 -6.42
C VAL A 55 10.49 -25.67 -5.18
N ALA A 56 11.24 -26.57 -4.56
CA ALA A 56 10.71 -27.35 -3.46
C ALA A 56 10.41 -26.48 -2.25
N ALA A 57 9.29 -26.80 -1.60
CA ALA A 57 9.01 -26.28 -0.27
C ALA A 57 9.88 -26.97 0.77
N THR A 58 10.39 -26.16 1.71
CA THR A 58 11.27 -26.65 2.76
C THR A 58 10.97 -25.93 4.08
N PRO A 59 11.58 -26.34 5.19
CA PRO A 59 11.38 -25.59 6.44
C PRO A 59 11.91 -24.18 6.41
N ASP A 60 12.65 -23.79 5.37
CA ASP A 60 13.11 -22.42 5.21
C ASP A 60 12.32 -21.65 4.15
N THR A 61 11.26 -22.24 3.60
CA THR A 61 10.38 -21.51 2.71
C THR A 61 9.62 -20.44 3.49
N ILE A 62 9.56 -19.24 2.92
CA ILE A 62 8.84 -18.12 3.50
C ILE A 62 7.41 -18.12 2.95
N PHE A 63 6.44 -18.13 3.86
CA PHE A 63 5.00 -18.08 3.55
C PHE A 63 4.38 -16.78 4.07
N GLU A 64 3.36 -16.27 3.38
CA GLU A 64 2.55 -15.18 3.93
C GLU A 64 1.69 -15.72 5.07
N LEU A 65 1.78 -15.10 6.23
CA LEU A 65 1.03 -15.60 7.40
C LEU A 65 -0.38 -15.06 7.49
N GLY A 66 -0.73 -14.01 6.74
CA GLY A 66 -2.07 -13.47 6.87
C GLY A 66 -2.33 -13.07 8.31
N SER A 67 -3.52 -13.41 8.81
CA SER A 67 -3.93 -13.01 10.15
C SER A 67 -3.11 -13.64 11.27
N ILE A 68 -2.31 -14.66 11.00
CA ILE A 68 -1.41 -15.13 12.04
C ILE A 68 -0.41 -14.04 12.40
N SER A 69 -0.18 -13.09 11.48
CA SER A 69 0.62 -11.91 11.79
C SER A 69 0.15 -11.21 13.05
N LYS A 70 -1.15 -11.29 13.34
CA LYS A 70 -1.72 -10.55 14.46
C LYS A 70 -1.18 -11.04 15.79
N ILE A 71 -0.65 -12.25 15.85
CA ILE A 71 -0.02 -12.71 17.09
C ILE A 71 1.20 -11.83 17.38
N PHE A 72 1.94 -11.49 16.33
CA PHE A 72 3.09 -10.61 16.49
C PHE A 72 2.66 -9.21 16.91
N THR A 73 1.60 -8.69 16.30
CA THR A 73 1.09 -7.38 16.69
C THR A 73 0.70 -7.35 18.17
N ALA A 74 -0.05 -8.37 18.60
CA ALA A 74 -0.45 -8.44 19.99
C ALA A 74 0.75 -8.54 20.92
N THR A 75 1.75 -9.35 20.57
CA THR A 75 2.93 -9.50 21.41
C THR A 75 3.70 -8.19 21.50
N LEU A 76 3.82 -7.46 20.39
CA LEU A 76 4.49 -6.16 20.45
C LEU A 76 3.75 -5.22 21.40
N ALA A 77 2.42 -5.20 21.34
CA ALA A 77 1.65 -4.36 22.25
C ALA A 77 1.92 -4.74 23.71
N ALA A 78 1.97 -6.04 23.99
CA ALA A 78 2.23 -6.48 25.35
C ALA A 78 3.65 -6.17 25.78
N LEU A 79 4.60 -6.19 24.84
CA LEU A 79 5.96 -5.81 25.17
C LEU A 79 6.03 -4.33 25.53
N ALA A 80 5.35 -3.49 24.76
CA ALA A 80 5.31 -2.07 25.10
C ALA A 80 4.66 -1.85 26.45
N GLU A 81 3.59 -2.59 26.75
CA GLU A 81 2.95 -2.47 28.05
C GLU A 81 3.94 -2.83 29.16
N ASP A 82 4.66 -3.95 29.00
CA ASP A 82 5.60 -4.38 30.03
C ASP A 82 6.68 -3.33 30.27
N ARG A 83 7.05 -2.59 29.23
CA ARG A 83 8.05 -1.55 29.35
C ARG A 83 7.51 -0.25 29.95
N GLY A 84 6.20 -0.18 30.20
CA GLY A 84 5.60 1.03 30.73
C GLY A 84 5.19 2.06 29.70
N MSE A 85 5.15 1.71 28.42
CA MSE A 85 4.91 2.68 27.34
C MSE A 85 3.42 2.89 27.08
O MSE A 85 2.99 3.91 26.55
CB MSE A 85 5.55 2.20 26.04
CG MSE A 85 6.96 1.68 26.19
SE MSE A 85 8.17 3.15 26.58
CE MSE A 85 8.11 4.07 24.85
H MSE A 85 5.26 0.91 28.14
HA MSE A 85 5.30 3.51 27.62
HB2 MSE A 85 5.03 1.48 25.67
HB3 MSE A 85 5.59 2.94 25.42
HG2 MSE A 85 7.00 1.05 26.93
HG3 MSE A 85 7.25 1.26 25.37
HE1 MSE A 85 8.73 4.82 24.86
HE2 MSE A 85 8.35 3.45 24.15
HE3 MSE A 85 7.21 4.40 24.70
N LEU A 86 2.66 1.85 27.42
N LEU A 86 2.62 1.90 27.45
CA LEU A 86 1.24 1.72 27.14
CA LEU A 86 1.19 2.06 27.33
C LEU A 86 0.58 1.10 28.36
C LEU A 86 0.54 1.05 28.25
N ASP A 87 -0.74 1.25 28.48
CA ASP A 87 -1.54 0.47 29.42
C ASP A 87 -2.66 -0.18 28.63
N LEU A 88 -2.62 -1.51 28.49
CA LEU A 88 -3.60 -2.14 27.62
C LEU A 88 -5.02 -2.09 28.19
N ASP A 89 -5.16 -1.80 29.49
CA ASP A 89 -6.51 -1.64 30.05
C ASP A 89 -7.07 -0.24 29.85
N ALA A 90 -6.28 0.68 29.30
CA ALA A 90 -6.69 2.06 29.13
C ALA A 90 -7.48 2.25 27.83
N PRO A 91 -8.29 3.31 27.76
CA PRO A 91 -9.06 3.56 26.54
C PRO A 91 -8.19 4.02 25.39
N VAL A 92 -8.65 3.73 24.16
CA VAL A 92 -7.97 4.20 22.96
C VAL A 92 -7.72 5.70 23.00
N SER A 93 -8.63 6.46 23.62
CA SER A 93 -8.50 7.90 23.60
C SER A 93 -7.28 8.39 24.39
N ASP A 94 -6.75 7.60 25.33
CA ASP A 94 -5.51 7.97 25.98
C ASP A 94 -4.35 8.00 25.00
N SER A 95 -4.44 7.19 23.94
CA SER A 95 -3.41 7.14 22.91
C SER A 95 -3.73 8.04 21.73
N ILE A 96 -5.01 8.21 21.42
CA ILE A 96 -5.44 9.00 20.27
C ILE A 96 -6.41 10.05 20.80
N PRO A 97 -5.91 11.19 21.30
CA PRO A 97 -6.81 12.14 21.99
C PRO A 97 -7.97 12.67 21.16
N GLN A 98 -7.90 12.70 19.84
CA GLN A 98 -9.05 13.26 19.13
C GLN A 98 -10.25 12.31 19.12
N LEU A 99 -10.08 11.08 19.60
CA LEU A 99 -11.20 10.15 19.78
C LEU A 99 -11.83 10.24 21.18
N GLU A 100 -11.39 11.18 22.02
CA GLU A 100 -12.10 11.47 23.25
C GLU A 100 -13.54 11.86 22.93
N GLY A 101 -14.48 11.27 23.65
CA GLY A 101 -15.89 11.51 23.40
C GLY A 101 -16.50 10.62 22.35
N ALA A 102 -15.68 9.94 21.56
CA ALA A 102 -16.18 9.03 20.54
C ALA A 102 -16.26 7.61 21.08
N ALA A 103 -17.26 6.86 20.58
CA ALA A 103 -17.44 5.49 21.02
C ALA A 103 -16.18 4.66 20.82
N PHE A 104 -15.46 4.89 19.71
CA PHE A 104 -14.25 4.12 19.49
C PHE A 104 -13.18 4.50 20.51
N GLY A 105 -13.14 5.77 20.92
CA GLY A 105 -12.17 6.17 21.91
C GLY A 105 -12.34 5.50 23.24
N ALA A 106 -13.54 5.01 23.53
CA ALA A 106 -13.81 4.39 24.83
C ALA A 106 -13.38 2.93 24.89
N ILE A 107 -13.06 2.32 23.74
CA ILE A 107 -12.62 0.94 23.72
C ILE A 107 -11.29 0.79 24.42
N ARG A 108 -11.14 -0.26 25.20
CA ARG A 108 -9.85 -0.54 25.83
C ARG A 108 -8.85 -1.01 24.79
N LEU A 109 -7.59 -0.62 24.94
CA LEU A 109 -6.60 -1.10 23.98
C LEU A 109 -6.62 -2.62 23.85
N VAL A 110 -6.74 -3.34 24.97
CA VAL A 110 -6.68 -4.81 24.88
C VAL A 110 -7.83 -5.33 24.03
N ASP A 111 -8.97 -4.62 24.01
CA ASP A 111 -10.08 -5.14 23.23
C ASP A 111 -9.90 -4.95 21.73
N LEU A 112 -8.91 -4.16 21.30
CA LEU A 112 -8.52 -4.17 19.90
C LEU A 112 -7.88 -5.49 19.50
N SER A 113 -7.42 -6.28 20.47
CA SER A 113 -6.84 -7.59 20.20
C SER A 113 -7.78 -8.74 20.53
N THR A 114 -8.87 -8.50 21.26
CA THR A 114 -9.90 -9.50 21.47
C THR A 114 -11.03 -9.38 20.48
N HIS A 115 -11.05 -8.28 19.70
CA HIS A 115 -12.07 -7.94 18.73
C HIS A 115 -13.41 -7.58 19.38
N VAL A 116 -13.45 -7.38 20.70
CA VAL A 116 -14.71 -7.06 21.38
C VAL A 116 -14.88 -5.55 21.30
N THR A 117 -15.38 -5.11 20.16
CA THR A 117 -15.55 -3.71 19.83
C THR A 117 -16.99 -3.34 19.53
N GLY A 118 -17.87 -4.31 19.34
CA GLY A 118 -19.25 -3.99 19.03
C GLY A 118 -19.58 -3.84 17.55
N GLY A 119 -18.67 -4.19 16.67
CA GLY A 119 -18.97 -4.22 15.25
C GLY A 119 -18.21 -3.22 14.41
N LEU A 120 -17.16 -3.68 13.75
CA LEU A 120 -16.38 -2.92 12.80
C LEU A 120 -16.39 -3.64 11.47
N PRO A 121 -16.19 -2.92 10.35
CA PRO A 121 -15.99 -3.62 9.09
C PRO A 121 -14.74 -4.46 9.17
N LEU A 122 -14.76 -5.59 8.46
CA LEU A 122 -13.60 -6.47 8.43
C LEU A 122 -12.38 -5.75 7.87
N GLN A 123 -12.56 -5.03 6.78
CA GLN A 123 -11.46 -4.35 6.11
C GLN A 123 -11.57 -2.84 6.29
N VAL A 124 -10.45 -2.16 6.16
CA VAL A 124 -10.42 -0.70 6.13
C VAL A 124 -11.39 -0.23 5.05
N PRO A 125 -12.26 0.74 5.33
CA PRO A 125 -13.18 1.22 4.28
C PRO A 125 -12.43 1.81 3.09
N GLY A 126 -13.09 1.72 1.92
CA GLY A 126 -12.51 2.21 0.69
C GLY A 126 -12.32 3.71 0.64
N GLU A 127 -13.10 4.46 1.41
CA GLU A 127 -12.99 5.91 1.46
C GLU A 127 -11.89 6.39 2.40
N VAL A 128 -11.12 5.44 2.95
CA VAL A 128 -10.03 5.73 3.89
C VAL A 128 -8.71 5.39 3.20
N GLY A 129 -7.79 6.35 3.19
CA GLY A 129 -6.57 6.21 2.42
C GLY A 129 -5.29 6.13 3.23
N ASN A 130 -5.38 6.38 4.53
CA ASN A 130 -4.24 6.26 5.43
C ASN A 130 -4.77 6.25 6.87
N VAL A 131 -3.86 6.04 7.81
CA VAL A 131 -4.31 5.91 9.19
C VAL A 131 -4.89 7.23 9.70
N ALA A 132 -4.36 8.37 9.26
CA ALA A 132 -4.93 9.64 9.70
C ALA A 132 -6.40 9.76 9.31
N GLU A 133 -6.74 9.39 8.07
CA GLU A 133 -8.13 9.43 7.63
C GLU A 133 -8.96 8.37 8.34
N LEU A 134 -8.35 7.24 8.69
CA LEU A 134 -9.06 6.21 9.45
C LEU A 134 -9.49 6.74 10.81
N ILE A 135 -8.58 7.43 11.50
CA ILE A 135 -8.93 8.01 12.79
C ILE A 135 -10.06 9.01 12.63
N ARG A 136 -10.06 9.77 11.52
N ARG A 136 -10.01 9.81 11.55
CA ARG A 136 -11.13 10.73 11.27
CA ARG A 136 -11.12 10.71 11.24
C ARG A 136 -12.46 10.02 11.04
C ARG A 136 -12.43 9.95 11.13
N TRP A 137 -12.44 8.89 10.31
CA TRP A 137 -13.64 8.10 10.10
C TRP A 137 -14.17 7.55 11.42
N LEU A 138 -13.27 7.12 12.29
CA LEU A 138 -13.68 6.53 13.56
C LEU A 138 -14.34 7.55 14.49
N GLU A 139 -14.10 8.85 14.27
CA GLU A 139 -14.73 9.86 15.13
C GLU A 139 -16.25 9.74 15.11
N SER A 140 -16.82 9.34 13.99
CA SER A 140 -18.28 9.27 13.86
C SER A 140 -18.83 7.86 13.89
N TRP A 141 -17.98 6.85 14.09
CA TRP A 141 -18.44 5.47 14.16
C TRP A 141 -19.19 5.19 15.45
N GLN A 142 -20.25 4.40 15.36
CA GLN A 142 -20.96 3.87 16.52
C GLN A 142 -21.15 2.37 16.34
N PRO A 143 -21.00 1.56 17.40
CA PRO A 143 -21.10 0.10 17.23
C PRO A 143 -22.52 -0.33 16.93
N PRO A 144 -22.73 -1.07 15.83
CA PRO A 144 -24.09 -1.54 15.51
C PRO A 144 -24.60 -2.65 16.43
N GLN A 145 -23.71 -3.42 17.06
CA GLN A 145 -24.11 -4.47 18.00
C GLN A 145 -23.21 -4.38 19.23
N PRO A 146 -23.51 -3.44 20.13
CA PRO A 146 -22.61 -3.18 21.26
C PRO A 146 -22.26 -4.44 22.04
N GLY A 147 -21.00 -4.52 22.45
CA GLY A 147 -20.50 -5.59 23.28
C GLY A 147 -20.12 -6.85 22.56
N THR A 148 -20.31 -6.92 21.25
CA THR A 148 -20.04 -8.16 20.54
C THR A 148 -18.60 -8.22 20.04
N ARG A 149 -18.18 -9.44 19.74
CA ARG A 149 -16.90 -9.72 19.13
C ARG A 149 -17.05 -9.56 17.63
N SER A 150 -16.28 -8.65 17.06
CA SER A 150 -16.35 -8.34 15.63
C SER A 150 -14.94 -8.45 15.08
N TYR A 151 -14.64 -9.56 14.42
CA TYR A 151 -13.32 -9.78 13.87
C TYR A 151 -13.02 -8.74 12.80
N SER A 152 -11.89 -8.07 12.94
CA SER A 152 -11.62 -6.93 12.07
C SER A 152 -10.12 -6.66 11.96
N ASN A 153 -9.69 -6.32 10.75
CA ASN A 153 -8.32 -5.84 10.57
C ASN A 153 -8.14 -4.42 11.09
N VAL A 154 -9.24 -3.66 11.20
CA VAL A 154 -9.16 -2.27 11.61
C VAL A 154 -8.68 -2.15 13.05
N SER A 155 -9.31 -2.89 13.97
CA SER A 155 -8.96 -2.74 15.38
C SER A 155 -7.53 -3.23 15.65
N ILE A 156 -7.21 -4.46 15.27
CA ILE A 156 -5.87 -4.97 15.58
C ILE A 156 -4.81 -4.16 14.83
N GLY A 157 -5.13 -3.72 13.60
CA GLY A 157 -4.19 -2.86 12.90
C GLY A 157 -3.91 -1.59 13.66
N LEU A 158 -4.96 -0.94 14.17
CA LEU A 158 -4.77 0.28 14.93
C LEU A 158 -3.97 0.04 16.21
N LEU A 159 -4.15 -1.12 16.85
CA LEU A 159 -3.32 -1.41 18.02
C LEU A 159 -1.85 -1.45 17.63
N GLY A 160 -1.55 -2.04 16.47
CA GLY A 160 -0.17 -2.05 15.98
C GLY A 160 0.35 -0.65 15.71
N HIS A 161 -0.48 0.19 15.09
CA HIS A 161 -0.10 1.58 14.83
C HIS A 161 0.15 2.33 16.14
N ILE A 162 -0.77 2.19 17.10
CA ILE A 162 -0.62 2.85 18.39
C ILE A 162 0.66 2.42 19.08
N THR A 163 0.95 1.12 19.06
CA THR A 163 2.12 0.58 19.73
C THR A 163 3.39 1.11 19.11
N ALA A 164 3.48 1.05 17.79
CA ALA A 164 4.65 1.55 17.08
C ALA A 164 4.86 3.04 17.34
N GLN A 165 3.77 3.83 17.33
CA GLN A 165 3.87 5.26 17.58
C GLN A 165 4.44 5.53 18.96
N THR A 166 3.94 4.80 19.96
CA THR A 166 4.46 4.94 21.32
C THR A 166 5.95 4.62 21.37
N MSE A 167 6.41 3.69 20.54
CA MSE A 167 7.81 3.31 20.51
C MSE A 167 8.65 4.21 19.61
O MSE A 167 9.87 4.07 19.53
CB MSE A 167 7.95 1.86 20.03
CG MSE A 167 7.31 0.85 20.95
SE MSE A 167 7.31 -0.94 20.18
CE MSE A 167 9.23 -1.10 19.85
H MSE A 167 5.91 3.27 19.98
HA MSE A 167 8.16 3.39 21.41
HB2 MSE A 167 7.52 1.78 19.16
HB3 MSE A 167 8.89 1.65 19.95
HG2 MSE A 167 7.82 0.81 21.78
HG3 MSE A 167 6.40 1.10 21.14
HE1 MSE A 167 9.42 -1.99 19.51
HE2 MSE A 167 9.50 -0.44 19.19
HE3 MSE A 167 9.71 -0.96 20.68
N GLY A 168 7.99 5.14 18.91
CA GLY A 168 8.71 6.10 18.10
C GLY A 168 9.30 5.55 16.83
N MSE A 169 8.69 4.53 16.24
CA MSE A 169 9.18 3.97 14.98
C MSE A 169 7.99 3.43 14.18
O MSE A 169 6.88 3.37 14.70
CB MSE A 169 10.22 2.88 15.23
CG MSE A 169 9.82 1.80 16.21
SE MSE A 169 11.30 0.65 16.80
CE MSE A 169 12.03 1.78 18.22
H MSE A 169 7.98 4.14 16.55
HA MSE A 169 9.62 4.66 14.46
HB2 MSE A 169 10.43 2.46 14.39
HB3 MSE A 169 11.02 3.31 15.58
HG2 MSE A 169 9.44 2.22 16.99
HG3 MSE A 169 9.16 1.23 15.77
HE1 MSE A 169 12.80 1.35 18.61
HE2 MSE A 169 12.30 2.64 17.84
HE3 MSE A 169 11.34 1.93 18.89
N SER A 170 8.23 3.04 12.93
CA SER A 170 7.18 2.40 12.15
C SER A 170 6.96 0.97 12.66
N PHE A 171 5.80 0.41 12.31
CA PHE A 171 5.53 -0.96 12.72
C PHE A 171 6.54 -1.92 12.13
N ALA A 172 6.88 -1.75 10.85
CA ALA A 172 7.88 -2.62 10.24
C ALA A 172 9.19 -2.54 11.00
N GLN A 173 9.59 -1.34 11.42
CA GLN A 173 10.82 -1.18 12.19
C GLN A 173 10.71 -1.84 13.57
N ALA A 174 9.59 -1.62 14.26
CA ALA A 174 9.41 -2.24 15.57
C ALA A 174 9.46 -3.75 15.46
N ALA A 175 8.80 -4.30 14.44
CA ALA A 175 8.77 -5.74 14.26
C ALA A 175 10.16 -6.26 13.91
N GLN A 176 10.81 -5.65 12.90
CA GLN A 176 12.05 -6.21 12.38
C GLN A 176 13.27 -5.85 13.22
N ASP A 177 13.27 -4.69 13.88
CA ASP A 177 14.43 -4.25 14.63
C ASP A 177 14.35 -4.58 16.12
N VAL A 178 13.16 -4.79 16.67
CA VAL A 178 12.98 -5.06 18.09
C VAL A 178 12.43 -6.46 18.32
N LEU A 179 11.24 -6.74 17.81
CA LEU A 179 10.52 -7.94 18.21
C LEU A 179 11.14 -9.21 17.64
N PHE A 180 11.34 -9.25 16.32
CA PHE A 180 11.86 -10.49 15.74
C PHE A 180 13.25 -10.80 16.29
N PRO A 181 14.16 -9.82 16.45
CA PRO A 181 15.44 -10.12 17.11
C PRO A 181 15.29 -10.61 18.54
N ALA A 182 14.38 -10.00 19.32
CA ALA A 182 14.16 -10.47 20.68
C ALA A 182 13.74 -11.94 20.69
N MSE A 183 12.97 -12.36 19.67
CA MSE A 183 12.47 -13.72 19.62
C MSE A 183 13.47 -14.66 18.98
O MSE A 183 13.25 -15.86 18.88
CB MSE A 183 11.17 -13.78 18.82
CG MSE A 183 10.06 -12.94 19.40
SE MSE A 183 8.56 -12.97 18.15
CE MSE A 183 7.13 -12.66 19.42
H MSE A 183 12.73 -11.86 19.01
HA MSE A 183 12.29 -14.02 20.53
HB2 MSE A 183 11.34 -13.47 17.93
HB3 MSE A 183 10.86 -14.70 18.81
HG2 MSE A 183 9.77 -13.31 20.26
HG3 MSE A 183 10.36 -12.03 19.52
HE1 MSE A 183 6.30 -12.56 18.93
HE2 MSE A 183 7.07 -13.43 20.01
HE3 MSE A 183 7.33 -11.87 19.93
N GLY A 184 14.57 -14.09 18.50
CA GLY A 184 15.61 -14.89 17.87
C GLY A 184 15.25 -15.42 16.51
N LEU A 185 14.40 -14.72 15.77
CA LEU A 185 14.02 -15.20 14.45
C LEU A 185 15.08 -14.78 13.43
N GLY A 186 15.22 -15.59 12.38
CA GLY A 186 16.23 -15.32 11.38
C GLY A 186 15.73 -15.15 9.97
N SER A 187 14.44 -15.42 9.75
CA SER A 187 13.88 -15.35 8.41
C SER A 187 12.42 -14.94 8.47
N THR A 188 12.09 -14.02 9.37
CA THR A 188 10.74 -13.48 9.53
C THR A 188 10.79 -12.01 9.20
N TYR A 189 9.82 -11.56 8.40
CA TYR A 189 9.88 -10.23 7.79
C TYR A 189 8.51 -9.59 7.75
N VAL A 190 8.49 -8.27 7.87
CA VAL A 190 7.36 -7.49 7.37
C VAL A 190 7.61 -7.03 5.94
N ASP A 191 8.88 -6.77 5.57
CA ASP A 191 9.27 -6.40 4.22
C ASP A 191 10.33 -7.40 3.74
N VAL A 192 9.96 -8.30 2.84
CA VAL A 192 10.90 -9.37 2.44
C VAL A 192 12.03 -8.75 1.62
N PRO A 193 13.29 -8.96 1.99
CA PRO A 193 14.41 -8.37 1.26
C PRO A 193 14.91 -9.24 0.11
N ASP A 194 15.79 -8.64 -0.70
CA ASP A 194 16.27 -9.33 -1.88
C ASP A 194 16.91 -10.68 -1.55
N ASP A 195 17.72 -10.72 -0.49
CA ASP A 195 18.50 -11.92 -0.17
C ASP A 195 17.62 -13.09 0.24
N ALA A 196 16.33 -12.85 0.51
CA ALA A 196 15.39 -13.89 0.92
C ALA A 196 14.45 -14.30 -0.20
N MSE A 197 14.52 -13.65 -1.35
CA MSE A 197 13.54 -13.85 -2.40
C MSE A 197 13.52 -15.26 -2.96
O MSE A 197 12.46 -15.75 -3.35
CB MSE A 197 13.78 -12.88 -3.56
CG MSE A 197 13.21 -11.50 -3.37
SE MSE A 197 11.25 -11.41 -3.27
CE MSE A 197 11.13 -9.85 -2.12
H MSE A 197 15.12 -13.07 -1.55
HA MSE A 197 12.67 -13.68 -2.01
HB2 MSE A 197 14.74 -12.78 -3.68
HB3 MSE A 197 13.38 -13.26 -4.37
HG2 MSE A 197 13.55 -11.15 -2.54
HG3 MSE A 197 13.48 -10.95 -4.11
HE1 MSE A 197 10.21 -9.71 -1.87
HE2 MSE A 197 11.67 -10.00 -1.33
HE3 MSE A 197 11.46 -9.07 -2.61
N ASP A 198 14.70 -15.90 -3.01
CA ASP A 198 14.80 -17.25 -3.53
C ASP A 198 13.93 -18.23 -2.74
N ARG A 199 13.57 -17.88 -1.50
CA ARG A 199 12.82 -18.77 -0.63
C ARG A 199 11.38 -18.33 -0.43
N TYR A 200 10.93 -17.27 -1.11
CA TYR A 200 9.62 -16.67 -0.86
C TYR A 200 8.60 -17.36 -1.77
N ALA A 201 7.75 -18.18 -1.15
CA ALA A 201 6.77 -18.95 -1.89
C ALA A 201 5.80 -18.03 -2.59
N PHE A 202 5.23 -18.51 -3.70
CA PHE A 202 4.07 -17.86 -4.31
C PHE A 202 2.80 -18.51 -3.79
N GLY A 203 1.75 -17.71 -3.69
CA GLY A 203 0.44 -18.24 -3.38
C GLY A 203 -0.30 -18.52 -4.67
N TYR A 204 -1.31 -19.40 -4.61
CA TYR A 204 -2.01 -19.82 -5.82
C TYR A 204 -3.51 -19.63 -5.67
N ASP A 205 -4.07 -18.81 -6.54
CA ASP A 205 -5.47 -18.40 -6.43
C ASP A 205 -6.41 -19.59 -6.54
N ARG A 206 -7.45 -19.59 -5.70
CA ARG A 206 -8.38 -20.71 -5.68
C ARG A 206 -9.10 -20.87 -7.00
N LYS A 207 -9.46 -19.76 -7.64
CA LYS A 207 -10.30 -19.81 -8.83
C LYS A 207 -9.51 -19.91 -10.12
N THR A 208 -8.32 -19.30 -10.21
CA THR A 208 -7.57 -19.29 -11.44
C THR A 208 -6.23 -20.03 -11.38
N ASP A 209 -5.83 -20.51 -10.21
CA ASP A 209 -4.58 -21.26 -10.03
C ASP A 209 -3.35 -20.45 -10.42
N ALA A 210 -3.49 -19.11 -10.55
CA ALA A 210 -2.37 -18.26 -10.90
C ALA A 210 -1.61 -17.83 -9.65
N PRO A 211 -0.31 -17.56 -9.78
CA PRO A 211 0.46 -17.07 -8.63
C PRO A 211 -0.02 -15.69 -8.21
N ILE A 212 -0.20 -15.51 -6.91
CA ILE A 212 -0.67 -14.24 -6.37
C ILE A 212 0.11 -13.89 -5.10
N ARG A 213 0.15 -12.60 -4.82
CA ARG A 213 1.01 -12.04 -3.79
C ARG A 213 0.24 -10.98 -3.01
N VAL A 214 0.36 -11.02 -1.68
CA VAL A 214 -0.34 -10.03 -0.85
C VAL A 214 0.19 -8.64 -1.18
N ASN A 215 -0.72 -7.68 -1.28
CA ASN A 215 -0.39 -6.34 -1.73
C ASN A 215 -0.43 -5.34 -0.57
N PRO A 216 0.23 -4.18 -0.72
CA PRO A 216 0.15 -3.14 0.30
C PRO A 216 -1.28 -2.69 0.53
N GLY A 217 -1.52 -2.13 1.71
CA GLY A 217 -2.83 -1.60 2.05
C GLY A 217 -2.74 -0.83 3.34
N VAL A 218 -3.79 -0.07 3.63
CA VAL A 218 -3.83 0.65 4.89
C VAL A 218 -3.82 -0.36 6.03
N LEU A 219 -2.88 -0.20 6.95
CA LEU A 219 -2.72 -1.07 8.12
C LEU A 219 -2.37 -2.51 7.74
N ALA A 220 -1.93 -2.73 6.49
CA ALA A 220 -1.56 -4.09 6.10
C ALA A 220 -0.38 -4.59 6.90
N ASP A 221 0.65 -3.76 7.10
CA ASP A 221 1.80 -4.21 7.88
C ASP A 221 1.37 -4.68 9.26
N GLU A 222 0.45 -3.94 9.88
CA GLU A 222 0.04 -4.15 11.26
C GLU A 222 -0.92 -5.33 11.42
N ALA A 223 -1.73 -5.61 10.40
CA ALA A 223 -2.80 -6.59 10.52
C ALA A 223 -2.52 -7.90 9.80
N TYR A 224 -1.76 -7.89 8.70
CA TYR A 224 -1.50 -9.11 7.96
C TYR A 224 -0.16 -9.02 7.24
N GLY A 225 0.82 -8.41 7.88
CA GLY A 225 2.04 -8.06 7.19
C GLY A 225 3.24 -8.96 7.38
N VAL A 226 3.12 -10.06 8.11
CA VAL A 226 4.29 -10.86 8.46
C VAL A 226 4.40 -12.07 7.53
N LYS A 227 5.64 -12.38 7.15
CA LYS A 227 5.99 -13.55 6.35
C LYS A 227 7.06 -14.31 7.12
N SER A 228 6.93 -15.64 7.19
CA SER A 228 7.84 -16.39 8.04
C SER A 228 7.98 -17.82 7.52
N THR A 229 8.83 -18.59 8.19
CA THR A 229 9.14 -19.96 7.83
C THR A 229 8.69 -20.90 8.97
N ALA A 230 8.61 -22.19 8.65
CA ALA A 230 8.30 -23.18 9.68
C ALA A 230 9.36 -23.18 10.77
N ARG A 231 10.65 -23.02 10.40
CA ARG A 231 11.70 -23.04 11.41
C ARG A 231 11.55 -21.89 12.40
N ASP A 232 11.24 -20.68 11.88
CA ASP A 232 11.04 -19.54 12.77
C ASP A 232 9.74 -19.67 13.58
N MSE A 233 8.69 -20.20 12.97
CA MSE A 233 7.44 -20.30 13.71
C MSE A 233 7.56 -21.29 14.87
O MSE A 233 6.90 -21.10 15.90
CB MSE A 233 6.30 -20.67 12.77
CG MSE A 233 5.95 -19.52 11.80
SE MSE A 233 5.38 -17.87 12.70
CE MSE A 233 3.73 -18.55 13.42
H MSE A 233 8.67 -20.50 12.17
HA MSE A 233 7.22 -19.43 14.10
HB2 MSE A 233 6.57 -21.43 12.23
HB3 MSE A 233 5.51 -20.88 13.28
HG2 MSE A 233 6.74 -19.30 11.27
HG3 MSE A 233 5.23 -19.80 11.23
HE1 MSE A 233 3.28 -17.84 13.91
HE2 MSE A 233 3.16 -18.83 12.67
HE3 MSE A 233 3.90 -19.30 14.00
N LEU A 234 8.40 -22.31 14.74
CA LEU A 234 8.62 -23.19 15.89
C LEU A 234 9.42 -22.49 16.98
N ARG A 235 10.32 -21.58 16.61
CA ARG A 235 10.99 -20.77 17.63
C ARG A 235 9.98 -19.95 18.41
N LEU A 236 9.02 -19.32 17.73
CA LEU A 236 7.97 -18.60 18.43
C LEU A 236 7.18 -19.52 19.35
N LEU A 237 6.76 -20.68 18.84
CA LEU A 237 5.98 -21.60 19.67
C LEU A 237 6.78 -22.06 20.88
N ASP A 238 8.09 -22.31 20.71
CA ASP A 238 8.92 -22.65 21.86
C ASP A 238 8.91 -21.55 22.91
N LEU A 239 8.96 -20.28 22.48
CA LEU A 239 8.92 -19.19 23.45
C LEU A 239 7.61 -19.20 24.22
N GLU A 240 6.49 -19.50 23.54
CA GLU A 240 5.21 -19.56 24.21
C GLU A 240 5.16 -20.71 25.20
N LEU A 241 5.91 -21.77 24.94
CA LEU A 241 6.02 -22.93 25.82
C LEU A 241 7.01 -22.73 26.96
N GLY A 242 7.66 -21.57 27.04
CA GLY A 242 8.65 -21.34 28.08
C GLY A 242 10.02 -21.89 27.77
N ARG A 243 10.26 -22.28 26.52
CA ARG A 243 11.56 -22.72 26.04
C ARG A 243 12.23 -21.58 25.27
N GLY A 244 13.47 -21.81 24.85
CA GLY A 244 14.17 -20.82 24.04
C GLY A 244 14.79 -19.68 24.81
N GLY A 245 14.73 -19.68 26.14
CA GLY A 245 15.43 -18.70 26.94
C GLY A 245 15.11 -17.24 26.69
N ALA A 246 13.83 -16.88 26.60
CA ALA A 246 13.44 -15.48 26.46
C ALA A 246 13.77 -14.70 27.73
N ASN A 247 14.16 -13.44 27.57
CA ASN A 247 14.42 -12.62 28.74
C ASN A 247 13.10 -12.30 29.43
N PRO A 248 13.15 -11.83 30.68
CA PRO A 248 11.91 -11.69 31.46
C PRO A 248 10.86 -10.82 30.81
N ALA A 249 11.27 -9.75 30.10
CA ALA A 249 10.30 -8.85 29.51
C ALA A 249 9.53 -9.53 28.38
N LEU A 250 10.24 -10.26 27.51
CA LEU A 250 9.56 -10.96 26.43
C LEU A 250 8.67 -12.07 26.99
N THR A 251 9.14 -12.77 28.02
CA THR A 251 8.30 -13.77 28.69
C THR A 251 7.02 -13.12 29.21
N ALA A 252 7.15 -11.97 29.87
CA ALA A 252 5.97 -11.29 30.41
C ALA A 252 5.00 -10.92 29.29
N ALA A 253 5.54 -10.45 28.16
CA ALA A 253 4.69 -10.06 27.04
C ALA A 253 3.94 -11.26 26.48
N LEU A 254 4.66 -12.37 26.27
CA LEU A 254 4.02 -13.57 25.74
C LEU A 254 2.94 -14.05 26.69
N GLU A 255 3.24 -14.06 27.99
CA GLU A 255 2.25 -14.54 28.96
C GLU A 255 1.03 -13.64 28.97
N ARG A 256 1.25 -12.32 28.84
CA ARG A 256 0.11 -11.39 28.80
C ARG A 256 -0.83 -11.74 27.65
N THR A 257 -0.29 -12.08 26.48
CA THR A 257 -1.15 -12.38 25.33
C THR A 257 -1.95 -13.68 25.54
N ARG A 258 -1.50 -14.56 26.44
CA ARG A 258 -2.17 -15.84 26.69
C ARG A 258 -3.16 -15.77 27.85
N GLN A 259 -3.37 -14.59 28.43
CA GLN A 259 -4.44 -14.41 29.40
C GLN A 259 -5.78 -14.46 28.68
N GLY A 260 -6.76 -15.07 29.33
CA GLY A 260 -8.10 -15.12 28.78
C GLY A 260 -8.89 -13.86 29.08
N GLN A 261 -9.31 -13.15 28.05
CA GLN A 261 -9.94 -11.85 28.22
C GLN A 261 -11.46 -11.88 28.12
N ALA A 262 -12.01 -12.81 27.34
CA ALA A 262 -13.45 -12.86 27.14
C ALA A 262 -13.80 -14.28 26.76
N GLU A 263 -15.06 -14.65 26.97
CA GLU A 263 -15.53 -15.97 26.60
C GLU A 263 -16.54 -15.84 25.47
N THR A 264 -16.39 -16.66 24.44
CA THR A 264 -17.38 -16.77 23.39
C THR A 264 -18.14 -18.09 23.56
N ALA A 265 -19.00 -18.39 22.59
CA ALA A 265 -19.77 -19.62 22.65
C ALA A 265 -18.91 -20.87 22.56
N TYR A 266 -17.70 -20.77 22.01
CA TYR A 266 -16.88 -21.95 21.79
C TYR A 266 -15.49 -21.90 22.42
N TYR A 267 -14.99 -20.71 22.76
CA TYR A 267 -13.61 -20.65 23.21
C TYR A 267 -13.42 -19.43 24.10
N THR A 268 -12.23 -19.39 24.70
CA THR A 268 -11.76 -18.24 25.44
C THR A 268 -10.94 -17.38 24.48
N GLN A 269 -11.31 -16.12 24.37
CA GLN A 269 -10.57 -15.16 23.56
C GLN A 269 -9.46 -14.52 24.38
N ASP A 270 -8.21 -14.78 23.97
CA ASP A 270 -7.03 -14.14 24.54
C ASP A 270 -6.71 -12.91 23.69
N MSE A 271 -5.46 -12.42 23.72
CA MSE A 271 -5.02 -11.42 22.76
C MSE A 271 -4.68 -12.17 21.46
O MSE A 271 -3.63 -12.80 21.34
CB MSE A 271 -3.84 -10.62 23.28
CG MSE A 271 -4.16 -9.77 24.50
SE MSE A 271 -2.62 -8.71 25.09
CE MSE A 271 -2.44 -7.52 23.55
H MSE A 271 -4.87 -12.65 24.30
HA MSE A 271 -5.72 -10.76 22.61
HB2 MSE A 271 -3.13 -11.24 23.51
HB3 MSE A 271 -3.54 -10.03 22.57
HG2 MSE A 271 -4.87 -9.17 24.29
HG3 MSE A 271 -4.41 -10.36 25.22
HE1 MSE A 271 -1.69 -6.91 23.71
HE2 MSE A 271 -2.29 -8.04 22.75
HE3 MSE A 271 -3.26 -7.00 23.46
N ILE A 272 -5.62 -12.09 20.51
CA ILE A 272 -5.60 -12.75 19.21
C ILE A 272 -5.72 -14.28 19.33
N TRP A 273 -4.87 -14.92 20.12
CA TRP A 273 -5.02 -16.36 20.33
C TRP A 273 -6.44 -16.70 20.78
N GLU A 274 -6.96 -17.84 20.31
CA GLU A 274 -8.26 -18.37 20.70
C GLU A 274 -8.04 -19.74 21.33
N GLN A 275 -8.67 -20.00 22.49
CA GLN A 275 -8.24 -21.04 23.42
C GLN A 275 -9.39 -21.96 23.80
N TYR A 276 -9.15 -23.25 23.67
CA TYR A 276 -10.08 -24.31 23.99
C TYR A 276 -9.49 -25.17 25.11
N PRO A 277 -10.31 -25.90 25.86
CA PRO A 277 -9.76 -26.96 26.70
C PRO A 277 -9.02 -27.97 25.83
N TRP A 278 -8.12 -28.70 26.46
CA TRP A 278 -7.56 -29.90 25.87
C TRP A 278 -7.68 -31.02 26.90
N PRO A 279 -8.28 -32.17 26.54
CA PRO A 279 -8.81 -32.50 25.21
C PRO A 279 -10.07 -31.74 24.87
N VAL A 280 -10.44 -31.75 23.59
CA VAL A 280 -11.66 -31.10 23.13
C VAL A 280 -12.13 -31.80 21.87
N ASP A 281 -13.45 -31.87 21.70
CA ASP A 281 -14.03 -32.43 20.49
C ASP A 281 -13.63 -31.58 19.29
N VAL A 282 -13.19 -32.24 18.22
CA VAL A 282 -12.75 -31.50 17.04
C VAL A 282 -13.89 -30.67 16.48
N ALA A 283 -15.13 -31.17 16.53
CA ALA A 283 -16.26 -30.40 16.02
C ALA A 283 -16.38 -29.04 16.72
N ARG A 284 -15.95 -28.94 17.97
CA ARG A 284 -16.03 -27.66 18.68
C ARG A 284 -15.02 -26.68 18.12
N MSE A 285 -13.83 -27.15 17.79
CA MSE A 285 -12.81 -26.29 17.21
C MSE A 285 -13.20 -25.91 15.79
O MSE A 285 -12.90 -24.82 15.33
CB MSE A 285 -11.45 -26.96 17.25
CG MSE A 285 -10.95 -27.20 18.66
SE MSE A 285 -9.11 -27.83 18.67
CE MSE A 285 -8.27 -26.22 17.99
H MSE A 285 -13.58 -27.97 17.90
HA MSE A 285 -12.74 -25.47 17.73
HB2 MSE A 285 -11.51 -27.82 16.81
HB3 MSE A 285 -10.81 -26.39 16.81
HG2 MSE A 285 -11.00 -26.37 19.17
HG3 MSE A 285 -11.50 -27.88 19.09
HE1 MSE A 285 -7.31 -26.34 18.00
HE2 MSE A 285 -8.57 -26.08 17.08
HE3 MSE A 285 -8.53 -25.47 18.54
N GLU A 286 -13.88 -26.82 15.08
CA GLU A 286 -14.38 -26.47 13.75
C GLU A 286 -15.41 -25.36 13.83
N ALA A 287 -16.35 -25.45 14.77
CA ALA A 287 -17.38 -24.42 14.89
C ALA A 287 -16.79 -23.08 15.26
N GLY A 288 -15.86 -23.07 16.23
CA GLY A 288 -15.26 -21.82 16.67
C GLY A 288 -14.41 -21.16 15.59
N ASN A 289 -13.90 -21.94 14.65
CA ASN A 289 -13.12 -21.43 13.53
C ASN A 289 -13.96 -21.25 12.28
N GLY A 290 -15.29 -21.29 12.41
CA GLY A 290 -16.15 -21.09 11.28
C GLY A 290 -16.10 -19.67 10.76
N TYR A 291 -16.47 -19.50 9.49
CA TYR A 291 -16.44 -18.18 8.88
C TYR A 291 -17.53 -17.28 9.44
N ASP A 292 -18.54 -17.83 10.13
CA ASP A 292 -19.51 -16.97 10.79
C ASP A 292 -18.87 -16.11 11.88
N PHE A 293 -17.76 -16.58 12.49
CA PHE A 293 -17.08 -15.75 13.48
C PHE A 293 -16.28 -14.61 12.83
N ILE A 294 -16.03 -14.71 11.53
CA ILE A 294 -15.41 -13.61 10.79
C ILE A 294 -16.48 -12.62 10.32
N LEU A 295 -17.55 -13.13 9.75
CA LEU A 295 -18.49 -12.31 8.99
C LEU A 295 -19.56 -11.64 9.82
N SER A 296 -19.85 -12.13 11.02
CA SER A 296 -20.93 -11.56 11.80
C SER A 296 -20.49 -11.36 13.24
N PRO A 297 -21.03 -10.34 13.92
CA PRO A 297 -20.70 -10.15 15.34
C PRO A 297 -21.21 -11.32 16.16
N GLN A 298 -20.43 -11.70 17.17
CA GLN A 298 -20.76 -12.83 18.03
C GLN A 298 -20.79 -12.40 19.49
N PRO A 299 -21.67 -12.98 20.30
CA PRO A 299 -21.70 -12.58 21.72
C PRO A 299 -20.43 -12.98 22.43
N ALA A 300 -20.01 -12.12 23.36
CA ALA A 300 -18.82 -12.39 24.16
C ALA A 300 -19.02 -11.78 25.54
N THR A 301 -18.45 -12.43 26.55
CA THR A 301 -18.52 -11.91 27.91
C THR A 301 -17.12 -11.70 28.45
N ARG A 302 -16.91 -10.52 29.05
CA ARG A 302 -15.59 -10.16 29.56
C ARG A 302 -15.24 -10.94 30.83
N LEU A 303 -13.98 -11.34 30.93
CA LEU A 303 -13.40 -11.85 32.18
C LEU A 303 -12.65 -10.71 32.85
N THR A 304 -13.00 -10.43 34.11
CA THR A 304 -12.42 -9.34 34.89
C THR A 304 -12.19 -9.80 36.32
N PRO A 305 -10.95 -10.01 36.77
CA PRO A 305 -9.70 -9.98 36.01
C PRO A 305 -9.59 -11.12 35.00
N PRO A 306 -8.62 -11.03 34.09
CA PRO A 306 -8.44 -12.07 33.09
C PRO A 306 -8.10 -13.43 33.69
N LEU A 307 -8.37 -14.48 32.92
CA LEU A 307 -7.91 -15.82 33.27
C LEU A 307 -6.41 -15.92 33.06
N PRO A 308 -5.64 -16.40 34.04
CA PRO A 308 -4.18 -16.52 33.83
C PRO A 308 -3.86 -17.50 32.72
N PRO A 309 -2.68 -17.41 32.12
CA PRO A 309 -2.30 -18.39 31.10
C PRO A 309 -2.50 -19.82 31.60
N GLN A 310 -3.19 -20.62 30.80
CA GLN A 310 -3.63 -21.93 31.25
C GLN A 310 -2.67 -23.03 30.81
N ARG A 311 -2.77 -24.15 31.51
CA ARG A 311 -1.95 -25.30 31.17
C ARG A 311 -2.64 -26.26 30.19
N ASP A 312 -3.78 -26.81 30.58
CA ASP A 312 -4.37 -27.92 29.81
C ASP A 312 -5.39 -27.39 28.81
N VAL A 313 -4.84 -26.65 27.83
CA VAL A 313 -5.61 -25.98 26.80
C VAL A 313 -4.91 -26.17 25.46
N ILE A 314 -5.64 -25.85 24.39
CA ILE A 314 -5.05 -25.65 23.07
C ILE A 314 -5.37 -24.24 22.63
N LEU A 315 -4.33 -23.46 22.33
CA LEU A 315 -4.47 -22.16 21.72
C LEU A 315 -4.29 -22.29 20.21
N ASN A 316 -5.06 -21.55 19.42
CA ASN A 316 -4.88 -21.65 17.97
C ASN A 316 -5.15 -20.31 17.32
N LYS A 317 -4.67 -20.20 16.08
CA LYS A 317 -5.03 -19.09 15.22
C LYS A 317 -4.90 -19.51 13.76
N THR A 318 -5.94 -19.19 12.99
CA THR A 318 -5.93 -19.30 11.55
C THR A 318 -5.39 -18.02 10.91
N GLY A 319 -4.72 -18.17 9.78
CA GLY A 319 -4.25 -17.02 9.06
C GLY A 319 -4.22 -17.29 7.58
N ALA A 320 -4.78 -16.38 6.77
CA ALA A 320 -4.80 -16.57 5.34
C ALA A 320 -4.65 -15.26 4.60
N THR A 321 -4.24 -15.38 3.35
CA THR A 321 -4.35 -14.34 2.33
C THR A 321 -5.06 -14.97 1.14
N ASN A 322 -5.23 -14.21 0.05
CA ASN A 322 -5.85 -14.82 -1.13
C ASN A 322 -5.09 -16.04 -1.61
N GLY A 323 -3.79 -16.10 -1.35
CA GLY A 323 -2.96 -17.18 -1.86
C GLY A 323 -2.43 -18.19 -0.86
N PHE A 324 -2.67 -17.96 0.43
CA PHE A 324 -2.06 -18.76 1.49
C PHE A 324 -3.09 -19.15 2.55
N GLY A 325 -2.86 -20.30 3.17
CA GLY A 325 -3.68 -20.79 4.27
C GLY A 325 -2.81 -21.39 5.37
N GLY A 326 -2.83 -20.79 6.55
CA GLY A 326 -1.94 -21.21 7.62
C GLY A 326 -2.69 -21.46 8.92
N TYR A 327 -2.01 -22.16 9.81
CA TYR A 327 -2.61 -22.52 11.09
C TYR A 327 -1.51 -22.73 12.11
N VAL A 328 -1.74 -22.26 13.33
CA VAL A 328 -0.84 -22.52 14.44
C VAL A 328 -1.65 -23.03 15.62
N ALA A 329 -1.09 -23.99 16.35
CA ALA A 329 -1.69 -24.53 17.55
C ALA A 329 -0.62 -24.73 18.60
N LEU A 330 -1.00 -24.46 19.85
CA LEU A 330 -0.10 -24.48 20.99
C LEU A 330 -0.80 -25.23 22.12
N LEU A 331 -0.13 -26.24 22.67
CA LEU A 331 -0.67 -27.04 23.77
C LEU A 331 0.30 -27.02 24.94
N PRO A 332 0.19 -26.05 25.85
CA PRO A 332 1.23 -25.89 26.89
C PRO A 332 1.39 -27.12 27.77
N GLY A 333 0.29 -27.74 28.17
CA GLY A 333 0.36 -28.89 29.03
C GLY A 333 0.90 -30.13 28.38
N GLN A 334 1.00 -30.13 27.05
CA GLN A 334 1.62 -31.22 26.30
C GLN A 334 2.99 -30.86 25.77
N ASP A 335 3.49 -29.66 26.06
CA ASP A 335 4.82 -29.23 25.60
C ASP A 335 4.90 -29.34 24.08
N LEU A 336 3.83 -28.91 23.40
CA LEU A 336 3.62 -29.18 21.99
C LEU A 336 3.17 -27.93 21.27
N GLY A 337 3.81 -27.65 20.13
CA GLY A 337 3.38 -26.60 19.23
C GLY A 337 3.42 -27.11 17.81
N ILE A 338 2.48 -26.67 16.97
CA ILE A 338 2.41 -27.09 15.58
C ILE A 338 2.17 -25.86 14.72
N VAL A 339 2.85 -25.76 13.59
CA VAL A 339 2.58 -24.76 12.57
C VAL A 339 2.37 -25.50 11.25
N VAL A 340 1.35 -25.07 10.50
CA VAL A 340 1.03 -25.66 9.21
C VAL A 340 0.94 -24.50 8.23
N LEU A 341 1.86 -24.46 7.28
CA LEU A 341 1.93 -23.39 6.29
C LEU A 341 1.73 -23.95 4.90
N ALA A 342 0.90 -23.28 4.11
CA ALA A 342 0.54 -23.77 2.78
C ALA A 342 0.34 -22.58 1.86
N ASN A 343 0.72 -22.74 0.59
CA ASN A 343 0.53 -21.68 -0.39
C ASN A 343 -0.74 -21.89 -1.21
N ARG A 344 -1.78 -22.34 -0.51
CA ARG A 344 -3.15 -22.33 -0.99
C ARG A 344 -4.05 -21.96 0.17
N ASN A 345 -5.00 -21.06 -0.07
CA ASN A 345 -6.04 -20.74 0.89
C ASN A 345 -7.05 -21.88 0.86
N TYR A 346 -7.07 -22.71 1.89
CA TYR A 346 -8.05 -23.76 1.99
C TYR A 346 -8.82 -23.59 3.30
N PRO A 347 -10.04 -24.12 3.38
CA PRO A 347 -10.95 -23.72 4.47
C PRO A 347 -10.40 -23.95 5.87
N ASN A 348 -10.71 -23.01 6.76
CA ASN A 348 -10.30 -23.08 8.16
C ASN A 348 -10.59 -24.45 8.76
N GLU A 349 -11.83 -24.92 8.61
CA GLU A 349 -12.22 -26.17 9.25
C GLU A 349 -11.35 -27.33 8.77
N ALA A 350 -10.90 -27.28 7.52
CA ALA A 350 -10.02 -28.34 7.02
C ALA A 350 -8.67 -28.31 7.71
N ARG A 351 -8.12 -27.11 7.95
CA ARG A 351 -6.86 -27.00 8.67
C ARG A 351 -7.01 -27.56 10.07
N VAL A 352 -8.14 -27.22 10.71
CA VAL A 352 -8.40 -27.66 12.07
C VAL A 352 -8.52 -29.18 12.13
N ARG A 353 -9.28 -29.77 11.21
CA ARG A 353 -9.50 -31.21 11.25
C ARG A 353 -8.19 -31.98 11.08
N ALA A 354 -7.37 -31.58 10.11
CA ALA A 354 -6.12 -32.30 9.87
C ALA A 354 -5.13 -32.11 11.01
N THR A 355 -5.07 -30.90 11.58
CA THR A 355 -4.13 -30.67 12.67
C THR A 355 -4.57 -31.38 13.94
N HIS A 356 -5.88 -31.38 14.24
CA HIS A 356 -6.38 -32.09 15.41
C HIS A 356 -6.07 -33.58 15.32
N ALA A 357 -6.23 -34.15 14.12
CA ALA A 357 -5.91 -35.55 13.91
C ALA A 357 -4.42 -35.81 14.07
N LEU A 358 -3.59 -34.90 13.59
CA LEU A 358 -2.15 -35.05 13.78
C LEU A 358 -1.78 -35.01 15.25
N ILE A 359 -2.36 -34.05 15.98
CA ILE A 359 -2.05 -33.95 17.41
C ILE A 359 -2.47 -35.23 18.12
N THR A 360 -3.69 -35.69 17.85
CA THR A 360 -4.21 -36.88 18.51
C THR A 360 -3.32 -38.09 18.25
N ASP A 361 -2.88 -38.27 17.00
CA ASP A 361 -2.00 -39.40 16.68
C ASP A 361 -0.65 -39.25 17.34
N LEU A 362 -0.09 -38.04 17.33
CA LEU A 362 1.19 -37.78 18.00
C LEU A 362 1.11 -38.17 19.47
N LEU A 363 0.16 -37.60 20.20
CA LEU A 363 0.11 -37.85 21.63
C LEU A 363 -0.16 -39.31 21.93
N ALA A 364 -0.87 -40.01 21.03
CA ALA A 364 -1.18 -41.41 21.25
C ALA A 364 0.04 -42.31 21.14
N THR A 365 1.14 -41.84 20.53
CA THR A 365 2.34 -42.65 20.52
C THR A 365 2.93 -42.82 21.91
N GLN A 366 2.45 -42.06 22.89
CA GLN A 366 2.87 -42.23 24.26
C GLN A 366 2.04 -43.35 24.90
N SER B 5 -7.25 44.41 -22.21
CA SER B 5 -7.13 43.28 -21.29
C SER B 5 -8.46 42.98 -20.63
N ALA B 6 -8.56 41.82 -19.97
CA ALA B 6 -9.79 41.37 -19.35
C ALA B 6 -9.63 41.26 -17.85
N THR B 7 -10.71 41.51 -17.13
CA THR B 7 -10.71 41.37 -15.68
C THR B 7 -10.48 39.91 -15.30
N SER B 8 -9.99 39.68 -14.09
CA SER B 8 -9.99 38.34 -13.54
C SER B 8 -11.41 37.82 -13.42
N GLU B 9 -12.37 38.72 -13.21
CA GLU B 9 -13.78 38.33 -13.19
C GLU B 9 -14.23 37.78 -14.54
N GLN B 10 -13.77 38.42 -15.63
CA GLN B 10 -14.08 37.90 -16.96
C GLN B 10 -13.34 36.59 -17.24
N ILE B 11 -12.15 36.41 -16.66
CA ILE B 11 -11.42 35.16 -16.79
C ILE B 11 -12.20 34.04 -16.10
N VAL B 12 -12.66 34.30 -14.87
CA VAL B 12 -13.46 33.30 -14.15
C VAL B 12 -14.73 32.99 -14.94
N ASP B 13 -15.31 33.99 -15.60
CA ASP B 13 -16.50 33.78 -16.40
C ASP B 13 -16.23 32.82 -17.56
N ILE B 14 -15.06 32.93 -18.20
CA ILE B 14 -14.72 32.06 -19.32
C ILE B 14 -14.49 30.63 -18.83
N ALA B 15 -13.80 30.49 -17.70
CA ALA B 15 -13.59 29.17 -17.11
C ALA B 15 -14.92 28.49 -16.81
N ASP B 16 -15.84 29.22 -16.18
CA ASP B 16 -17.18 28.70 -15.90
C ASP B 16 -17.82 28.15 -17.17
N ALA B 17 -17.82 28.94 -18.24
CA ALA B 17 -18.49 28.50 -19.46
C ALA B 17 -17.77 27.36 -20.15
N SER B 18 -16.44 27.29 -20.04
CA SER B 18 -15.70 26.24 -20.74
C SER B 18 -15.93 24.86 -20.14
N PHE B 19 -16.23 24.78 -18.84
CA PHE B 19 -16.36 23.50 -18.17
C PHE B 19 -17.77 23.15 -17.77
N ALA B 20 -18.73 24.04 -17.96
CA ALA B 20 -20.12 23.69 -17.68
C ALA B 20 -20.56 22.43 -18.42
N PRO B 21 -20.26 22.26 -19.71
CA PRO B 21 -20.69 21.02 -20.38
C PRO B 21 -20.12 19.74 -19.80
N VAL B 22 -18.81 19.68 -19.54
CA VAL B 22 -18.23 18.43 -19.03
C VAL B 22 -18.76 18.13 -17.63
N ILE B 23 -18.97 19.16 -16.81
CA ILE B 23 -19.47 18.93 -15.46
C ILE B 23 -20.83 18.25 -15.52
N GLU B 24 -21.69 18.69 -16.44
CA GLU B 24 -23.01 18.08 -16.60
C GLU B 24 -22.88 16.69 -17.22
N GLN B 25 -22.04 16.58 -18.25
CA GLN B 25 -21.93 15.34 -19.02
C GLN B 25 -21.47 14.18 -18.14
N TYR B 26 -20.47 14.42 -17.29
CA TYR B 26 -19.89 13.35 -16.47
C TYR B 26 -20.25 13.50 -15.00
N ARG B 27 -21.22 14.36 -14.68
CA ARG B 27 -21.72 14.53 -13.32
C ARG B 27 -20.59 14.75 -12.32
N ILE B 28 -19.75 15.74 -12.60
CA ILE B 28 -18.58 16.04 -11.78
C ILE B 28 -19.01 16.75 -10.51
N PRO B 29 -18.81 16.16 -9.33
CA PRO B 29 -19.31 16.83 -8.11
C PRO B 29 -18.66 18.17 -7.82
N GLY B 30 -17.33 18.27 -7.99
CA GLY B 30 -16.60 19.48 -7.70
C GLY B 30 -15.43 19.66 -8.64
N LEU B 31 -15.14 20.91 -9.02
CA LEU B 31 -14.11 21.18 -10.01
C LEU B 31 -13.51 22.54 -9.73
N VAL B 32 -12.19 22.63 -9.83
CA VAL B 32 -11.47 23.87 -9.61
C VAL B 32 -10.50 24.09 -10.75
N VAL B 33 -10.57 25.27 -11.36
CA VAL B 33 -9.62 25.69 -12.38
C VAL B 33 -8.76 26.80 -11.80
N GLY B 34 -7.44 26.62 -11.88
CA GLY B 34 -6.49 27.69 -11.58
C GLY B 34 -5.84 28.17 -12.87
N ILE B 35 -5.71 29.49 -13.00
CA ILE B 35 -5.07 30.10 -14.16
C ILE B 35 -4.00 31.05 -13.66
N THR B 36 -2.78 30.91 -14.18
CA THR B 36 -1.75 31.92 -13.99
C THR B 36 -1.40 32.48 -15.37
N TRP B 37 -1.54 33.78 -15.53
CA TRP B 37 -1.34 34.38 -16.85
C TRP B 37 -0.63 35.70 -16.67
N GLN B 38 0.56 35.83 -17.27
CA GLN B 38 1.39 37.02 -17.11
C GLN B 38 1.61 37.32 -15.63
N GLY B 39 1.73 36.27 -14.84
CA GLY B 39 2.05 36.39 -13.44
C GLY B 39 0.86 36.60 -12.53
N GLN B 40 -0.35 36.66 -13.08
CA GLN B 40 -1.55 36.96 -12.31
C GLN B 40 -2.44 35.74 -12.17
N HIS B 41 -2.94 35.51 -10.95
CA HIS B 41 -3.66 34.29 -10.59
C HIS B 41 -5.16 34.53 -10.59
N SER B 42 -5.90 33.62 -11.19
CA SER B 42 -7.36 33.61 -11.16
C SER B 42 -7.82 32.19 -10.87
N PHE B 43 -8.93 32.07 -10.14
CA PHE B 43 -9.50 30.77 -9.79
C PHE B 43 -10.99 30.72 -10.08
N TYR B 44 -11.42 29.59 -10.64
CA TYR B 44 -12.83 29.22 -10.74
C TYR B 44 -13.03 27.96 -9.93
N ALA B 45 -13.93 28.02 -8.94
CA ALA B 45 -14.25 26.87 -8.12
C ALA B 45 -15.75 26.67 -8.12
N THR B 46 -16.19 25.42 -8.30
CA THR B 46 -17.61 25.14 -8.33
C THR B 46 -17.87 23.76 -7.74
N GLY B 47 -19.09 23.58 -7.24
CA GLY B 47 -19.45 22.28 -6.71
C GLY B 47 -18.85 22.02 -5.34
N VAL B 48 -18.78 20.74 -5.00
CA VAL B 48 -18.45 20.31 -3.66
C VAL B 48 -17.21 19.43 -3.68
N ALA B 49 -16.32 19.67 -2.72
CA ALA B 49 -15.25 18.74 -2.41
C ALA B 49 -15.79 17.46 -1.79
N ALA B 50 -16.87 17.57 -1.03
CA ALA B 50 -17.48 16.43 -0.34
C ALA B 50 -18.99 16.59 -0.40
N ARG B 51 -19.68 15.53 -0.83
CA ARG B 51 -21.13 15.56 -0.86
C ARG B 51 -21.71 15.58 0.55
N LYS B 52 -21.35 14.59 1.36
CA LYS B 52 -21.74 14.60 2.76
C LYS B 52 -21.10 15.80 3.45
N GLY B 53 -21.94 16.62 4.07
CA GLY B 53 -21.55 17.92 4.56
C GLY B 53 -21.67 19.04 3.54
N ASN B 54 -21.85 18.70 2.27
CA ASN B 54 -21.92 19.68 1.20
C ASN B 54 -20.82 20.72 1.36
N VAL B 55 -19.59 20.22 1.40
CA VAL B 55 -18.42 21.06 1.62
C VAL B 55 -17.97 21.61 0.26
N ALA B 56 -17.92 22.93 0.15
CA ALA B 56 -17.63 23.57 -1.13
C ALA B 56 -16.19 23.34 -1.55
N ALA B 57 -16.01 23.15 -2.86
CA ALA B 57 -14.68 23.15 -3.45
C ALA B 57 -14.13 24.56 -3.49
N THR B 58 -12.84 24.70 -3.17
CA THR B 58 -12.17 25.99 -3.19
C THR B 58 -10.77 25.87 -3.79
N PRO B 59 -10.07 26.97 -4.00
CA PRO B 59 -8.67 26.87 -4.46
C PRO B 59 -7.76 26.20 -3.47
N ASP B 60 -8.21 25.96 -2.24
CA ASP B 60 -7.42 25.27 -1.24
C ASP B 60 -7.91 23.85 -0.98
N THR B 61 -8.85 23.37 -1.78
CA THR B 61 -9.26 21.96 -1.71
C THR B 61 -8.11 21.08 -2.19
N ILE B 62 -7.81 20.03 -1.44
CA ILE B 62 -6.78 19.06 -1.82
C ILE B 62 -7.41 17.98 -2.68
N PHE B 63 -6.84 17.76 -3.86
CA PHE B 63 -7.27 16.72 -4.78
C PHE B 63 -6.14 15.70 -4.97
N GLU B 64 -6.53 14.46 -5.28
CA GLU B 64 -5.56 13.45 -5.71
C GLU B 64 -5.11 13.77 -7.13
N LEU B 65 -3.80 13.87 -7.34
CA LEU B 65 -3.29 14.23 -8.66
C LEU B 65 -3.12 13.04 -9.58
N GLY B 66 -3.11 11.82 -9.07
CA GLY B 66 -2.88 10.69 -9.96
C GLY B 66 -1.52 10.84 -10.63
N SER B 67 -1.48 10.53 -11.92
CA SER B 67 -0.23 10.55 -12.66
C SER B 67 0.37 11.94 -12.84
N ILE B 68 -0.35 13.02 -12.52
CA ILE B 68 0.31 14.32 -12.50
C ILE B 68 1.42 14.32 -11.45
N SER B 69 1.33 13.43 -10.46
CA SER B 69 2.39 13.25 -9.47
C SER B 69 3.73 13.01 -10.12
N LYS B 70 3.73 12.39 -11.29
CA LYS B 70 4.97 12.03 -11.96
C LYS B 70 5.80 13.25 -12.34
N ILE B 71 5.18 14.43 -12.48
CA ILE B 71 5.95 15.64 -12.71
C ILE B 71 6.87 15.91 -11.53
N PHE B 72 6.36 15.69 -10.32
CA PHE B 72 7.19 15.87 -9.14
C PHE B 72 8.28 14.81 -9.09
N THR B 73 7.96 13.57 -9.43
CA THR B 73 8.99 12.54 -9.45
C THR B 73 10.11 12.89 -10.42
N ALA B 74 9.75 13.32 -11.62
CA ALA B 74 10.74 13.71 -12.61
C ALA B 74 11.58 14.89 -12.14
N THR B 75 10.94 15.87 -11.52
CA THR B 75 11.69 17.04 -11.05
C THR B 75 12.64 16.65 -9.93
N LEU B 76 12.21 15.76 -9.04
CA LEU B 76 13.10 15.28 -7.97
C LEU B 76 14.33 14.61 -8.56
N ALA B 77 14.15 13.78 -9.59
CA ALA B 77 15.29 13.13 -10.23
C ALA B 77 16.23 14.16 -10.87
N ALA B 78 15.67 15.16 -11.54
CA ALA B 78 16.50 16.19 -12.15
C ALA B 78 17.19 17.04 -11.09
N LEU B 79 16.57 17.21 -9.93
CA LEU B 79 17.21 17.93 -8.84
C LEU B 79 18.40 17.16 -8.32
N ALA B 80 18.24 15.85 -8.11
CA ALA B 80 19.37 15.01 -7.70
C ALA B 80 20.48 15.06 -8.74
N GLU B 81 20.12 15.08 -10.02
CA GLU B 81 21.13 15.16 -11.07
C GLU B 81 21.90 16.47 -10.97
N ASP B 82 21.18 17.59 -10.79
CA ASP B 82 21.84 18.89 -10.71
C ASP B 82 22.79 18.95 -9.52
N ARG B 83 22.47 18.26 -8.44
CA ARG B 83 23.33 18.20 -7.27
C ARG B 83 24.47 17.21 -7.43
N GLY B 84 24.58 16.55 -8.58
CA GLY B 84 25.65 15.61 -8.81
C GLY B 84 25.47 14.27 -8.12
N MSE B 85 24.25 13.92 -7.76
CA MSE B 85 23.98 12.69 -7.04
C MSE B 85 23.67 11.52 -7.96
O MSE B 85 23.83 10.35 -7.57
CB MSE B 85 22.83 12.89 -6.06
CG MSE B 85 23.15 13.91 -5.00
SE MSE B 85 21.62 14.40 -3.93
CE MSE B 85 21.41 12.75 -2.93
H MSE B 85 23.54 14.39 -7.92
HA MSE B 85 24.79 12.47 -6.54
HB2 MSE B 85 22.05 13.20 -6.55
HB3 MSE B 85 22.63 12.05 -5.62
HG2 MSE B 85 23.83 13.55 -4.41
HG3 MSE B 85 23.48 14.72 -5.43
HE1 MSE B 85 21.26 12.97 -1.99
HE2 MSE B 85 20.66 12.26 -3.28
HE3 MSE B 85 22.22 12.23 -3.00
N LEU B 86 23.22 11.82 -9.15
CA LEU B 86 23.04 10.81 -10.18
C LEU B 86 23.21 11.46 -11.54
N ASP B 87 23.20 10.62 -12.57
CA ASP B 87 23.39 11.01 -13.95
C ASP B 87 22.25 10.40 -14.74
N LEU B 88 21.33 11.24 -15.21
CA LEU B 88 20.15 10.67 -15.88
C LEU B 88 20.48 10.04 -17.23
N ASP B 89 21.67 10.28 -17.79
CA ASP B 89 22.06 9.60 -19.02
C ASP B 89 22.67 8.23 -18.74
N ALA B 90 22.87 7.89 -17.47
CA ALA B 90 23.50 6.64 -17.12
C ALA B 90 22.47 5.50 -17.10
N PRO B 91 22.91 4.26 -17.27
CA PRO B 91 21.97 3.14 -17.25
C PRO B 91 21.44 2.86 -15.85
N VAL B 92 20.26 2.25 -15.81
CA VAL B 92 19.67 1.82 -14.55
C VAL B 92 20.64 0.98 -13.73
N SER B 93 21.45 0.15 -14.41
CA SER B 93 22.33 -0.77 -13.70
C SER B 93 23.43 -0.08 -12.91
N ASP B 94 23.75 1.19 -13.20
CA ASP B 94 24.66 1.93 -12.33
C ASP B 94 24.05 2.15 -10.95
N SER B 95 22.72 2.25 -10.87
CA SER B 95 21.98 2.46 -9.63
C SER B 95 21.49 1.17 -8.99
N ILE B 96 21.17 0.18 -9.81
CA ILE B 96 20.67 -1.12 -9.35
C ILE B 96 21.59 -2.19 -9.94
N PRO B 97 22.72 -2.48 -9.30
CA PRO B 97 23.73 -3.34 -9.93
C PRO B 97 23.25 -4.74 -10.30
N GLN B 98 22.25 -5.29 -9.60
CA GLN B 98 21.85 -6.64 -9.96
C GLN B 98 21.11 -6.70 -11.29
N LEU B 99 20.77 -5.54 -11.89
CA LEU B 99 20.20 -5.49 -13.23
C LEU B 99 21.27 -5.36 -14.30
N GLU B 100 22.56 -5.40 -13.93
CA GLU B 100 23.63 -5.47 -14.91
C GLU B 100 23.46 -6.71 -15.77
N GLY B 101 23.46 -6.53 -17.09
CA GLY B 101 23.27 -7.63 -18.00
C GLY B 101 21.82 -7.92 -18.34
N ALA B 102 20.88 -7.28 -17.67
CA ALA B 102 19.46 -7.38 -18.00
C ALA B 102 19.06 -6.21 -18.91
N ALA B 103 18.10 -6.46 -19.79
CA ALA B 103 17.63 -5.42 -20.68
C ALA B 103 17.20 -4.18 -19.91
N PHE B 104 16.43 -4.37 -18.83
CA PHE B 104 15.96 -3.22 -18.08
C PHE B 104 17.14 -2.44 -17.50
N GLY B 105 18.20 -3.14 -17.11
CA GLY B 105 19.38 -2.47 -16.59
C GLY B 105 20.05 -1.55 -17.58
N ALA B 106 19.85 -1.78 -18.88
CA ALA B 106 20.48 -0.97 -19.91
C ALA B 106 19.71 0.32 -20.22
N ILE B 107 18.49 0.46 -19.69
CA ILE B 107 17.69 1.66 -19.94
C ILE B 107 18.35 2.85 -19.25
N ARG B 108 18.42 3.98 -19.95
CA ARG B 108 18.91 5.19 -19.29
C ARG B 108 17.91 5.66 -18.23
N LEU B 109 18.43 6.23 -17.14
CA LEU B 109 17.50 6.75 -16.13
C LEU B 109 16.49 7.71 -16.75
N VAL B 110 16.95 8.60 -17.64
CA VAL B 110 16.02 9.58 -18.21
C VAL B 110 14.86 8.89 -18.91
N ASP B 111 15.10 7.70 -19.48
CA ASP B 111 14.02 7.07 -20.24
C ASP B 111 12.99 6.41 -19.34
N LEU B 112 13.27 6.29 -18.04
CA LEU B 112 12.22 5.94 -17.10
C LEU B 112 11.20 7.05 -16.97
N SER B 113 11.57 8.29 -17.34
CA SER B 113 10.63 9.41 -17.31
C SER B 113 10.05 9.75 -18.68
N THR B 114 10.62 9.21 -19.77
CA THR B 114 10.05 9.35 -21.09
C THR B 114 9.18 8.17 -21.48
N HIS B 115 9.21 7.11 -20.68
CA HIS B 115 8.52 5.85 -20.94
C HIS B 115 9.08 5.10 -22.14
N VAL B 116 10.25 5.50 -22.65
CA VAL B 116 10.84 4.83 -23.84
C VAL B 116 11.64 3.66 -23.28
N THR B 117 10.93 2.57 -22.99
CA THR B 117 11.45 1.38 -22.36
C THR B 117 11.33 0.13 -23.22
N GLY B 118 10.60 0.18 -24.32
CA GLY B 118 10.43 -1.01 -25.13
C GLY B 118 9.28 -1.91 -24.75
N GLY B 119 8.34 -1.43 -23.94
CA GLY B 119 7.09 -2.15 -23.74
C GLY B 119 6.73 -2.58 -22.33
N LEU B 120 7.23 -1.88 -21.33
CA LEU B 120 6.94 -2.23 -19.95
C LEU B 120 5.44 -2.11 -19.69
N PRO B 121 4.86 -3.01 -18.90
CA PRO B 121 3.42 -2.92 -18.62
C PRO B 121 3.05 -1.68 -17.81
N LEU B 122 1.77 -1.32 -17.86
CA LEU B 122 1.31 -0.10 -17.19
C LEU B 122 1.44 -0.23 -15.68
N GLN B 123 0.96 -1.34 -15.13
CA GLN B 123 0.90 -1.52 -13.68
C GLN B 123 1.94 -2.51 -13.20
N VAL B 124 2.33 -2.36 -11.95
CA VAL B 124 3.13 -3.36 -11.26
C VAL B 124 2.42 -4.71 -11.37
N PRO B 125 3.12 -5.78 -11.75
CA PRO B 125 2.47 -7.09 -11.82
C PRO B 125 1.86 -7.49 -10.48
N GLY B 126 0.71 -8.17 -10.55
CA GLY B 126 0.05 -8.63 -9.35
C GLY B 126 0.86 -9.62 -8.55
N GLU B 127 1.77 -10.34 -9.18
CA GLU B 127 2.61 -11.29 -8.47
C GLU B 127 3.81 -10.63 -7.79
N VAL B 128 3.89 -9.30 -7.82
CA VAL B 128 4.97 -8.54 -7.21
C VAL B 128 4.42 -7.81 -6.00
N GLY B 129 5.09 -7.94 -4.86
CA GLY B 129 4.54 -7.43 -3.62
C GLY B 129 5.28 -6.27 -3.00
N ASN B 130 6.48 -5.98 -3.52
CA ASN B 130 7.27 -4.84 -3.06
C ASN B 130 8.34 -4.55 -4.11
N VAL B 131 9.13 -3.51 -3.88
CA VAL B 131 10.10 -3.10 -4.89
C VAL B 131 11.22 -4.13 -5.05
N ALA B 132 11.64 -4.77 -3.95
CA ALA B 132 12.66 -5.81 -4.09
C ALA B 132 12.19 -6.92 -5.03
N GLU B 133 10.93 -7.35 -4.89
CA GLU B 133 10.38 -8.37 -5.78
C GLU B 133 10.23 -7.85 -7.21
N LEU B 134 9.92 -6.56 -7.36
CA LEU B 134 9.87 -5.97 -8.70
C LEU B 134 11.21 -6.02 -9.39
N ILE B 135 12.28 -5.68 -8.67
CA ILE B 135 13.61 -5.68 -9.28
C ILE B 135 13.96 -7.10 -9.72
N ARG B 136 13.63 -8.09 -8.90
N ARG B 136 13.65 -8.09 -8.88
CA ARG B 136 13.85 -9.48 -9.27
CA ARG B 136 13.84 -9.48 -9.28
C ARG B 136 13.03 -9.86 -10.51
C ARG B 136 13.06 -9.79 -10.56
N TRP B 137 11.79 -9.37 -10.59
CA TRP B 137 10.98 -9.60 -11.78
C TRP B 137 11.62 -8.99 -13.01
N LEU B 138 12.20 -7.80 -12.87
CA LEU B 138 12.81 -7.13 -14.01
C LEU B 138 14.10 -7.82 -14.47
N GLU B 139 14.70 -8.66 -13.64
CA GLU B 139 15.93 -9.34 -14.06
C GLU B 139 15.68 -10.19 -15.31
N SER B 140 14.49 -10.76 -15.44
CA SER B 140 14.21 -11.64 -16.55
C SER B 140 13.27 -11.01 -17.58
N TRP B 141 12.91 -9.74 -17.42
CA TRP B 141 12.03 -9.10 -18.37
C TRP B 141 12.76 -8.83 -19.67
N GLN B 142 12.09 -9.09 -20.79
CA GLN B 142 12.66 -8.71 -22.07
C GLN B 142 11.69 -7.77 -22.80
N PRO B 143 12.16 -6.65 -23.34
CA PRO B 143 11.24 -5.72 -24.01
C PRO B 143 10.58 -6.38 -25.19
N PRO B 144 9.24 -6.43 -25.21
CA PRO B 144 8.56 -7.02 -26.37
C PRO B 144 8.67 -6.18 -27.63
N GLN B 145 8.81 -4.86 -27.50
CA GLN B 145 8.88 -3.95 -28.65
C GLN B 145 9.99 -2.95 -28.44
N PRO B 146 11.24 -3.34 -28.67
CA PRO B 146 12.37 -2.46 -28.34
C PRO B 146 12.22 -1.09 -28.99
N GLY B 147 12.58 -0.07 -28.22
CA GLY B 147 12.59 1.29 -28.72
C GLY B 147 11.28 2.03 -28.60
N THR B 148 10.21 1.38 -28.18
CA THR B 148 8.92 2.04 -28.13
C THR B 148 8.69 2.78 -26.82
N ARG B 149 7.80 3.76 -26.89
CA ARG B 149 7.24 4.42 -25.72
C ARG B 149 6.12 3.56 -25.17
N SER B 150 6.17 3.27 -23.87
CA SER B 150 5.21 2.39 -23.22
C SER B 150 4.83 3.04 -21.90
N TYR B 151 3.71 3.77 -21.90
CA TYR B 151 3.33 4.54 -20.72
C TYR B 151 3.12 3.62 -19.53
N SER B 152 3.76 3.94 -18.40
CA SER B 152 3.80 3.01 -17.29
C SER B 152 3.94 3.74 -15.96
N ASN B 153 3.41 3.12 -14.92
CA ASN B 153 3.72 3.53 -13.55
C ASN B 153 5.02 2.92 -13.06
N VAL B 154 5.42 1.79 -13.66
CA VAL B 154 6.53 1.02 -13.14
C VAL B 154 7.85 1.75 -13.34
N SER B 155 8.09 2.23 -14.56
CA SER B 155 9.36 2.85 -14.86
C SER B 155 9.54 4.16 -14.11
N ILE B 156 8.55 5.07 -14.16
CA ILE B 156 8.70 6.33 -13.44
C ILE B 156 8.73 6.08 -11.94
N GLY B 157 7.95 5.10 -11.47
CA GLY B 157 8.00 4.78 -10.06
C GLY B 157 9.38 4.35 -9.63
N LEU B 158 10.02 3.51 -10.43
N LEU B 158 10.01 3.49 -10.43
CA LEU B 158 11.37 3.07 -10.09
CA LEU B 158 11.36 3.07 -10.10
C LEU B 158 12.37 4.20 -10.16
C LEU B 158 12.33 4.25 -10.09
N LEU B 159 12.15 5.19 -11.03
CA LEU B 159 13.01 6.36 -11.02
C LEU B 159 12.89 7.10 -9.69
N GLY B 160 11.67 7.22 -9.16
CA GLY B 160 11.50 7.87 -7.86
C GLY B 160 12.17 7.08 -6.75
N HIS B 161 12.06 5.74 -6.80
CA HIS B 161 12.72 4.88 -5.84
C HIS B 161 14.23 5.07 -5.88
N ILE B 162 14.80 5.03 -7.08
CA ILE B 162 16.23 5.23 -7.26
C ILE B 162 16.64 6.59 -6.70
N THR B 163 15.85 7.62 -7.01
CA THR B 163 16.22 8.98 -6.60
C THR B 163 16.19 9.11 -5.09
N ALA B 164 15.15 8.58 -4.45
CA ALA B 164 15.06 8.66 -3.00
C ALA B 164 16.18 7.88 -2.34
N GLN B 165 16.52 6.70 -2.87
CA GLN B 165 17.62 5.93 -2.31
C GLN B 165 18.92 6.72 -2.37
N THR B 166 19.13 7.46 -3.45
CA THR B 166 20.35 8.27 -3.56
C THR B 166 20.36 9.38 -2.52
N MSE B 167 19.18 9.92 -2.18
CA MSE B 167 19.07 10.97 -1.16
C MSE B 167 19.00 10.40 0.26
O MSE B 167 19.01 11.15 1.23
CB MSE B 167 17.84 11.82 -1.44
CG MSE B 167 17.91 12.51 -2.77
SE MSE B 167 16.22 13.31 -3.24
CE MSE B 167 16.13 14.67 -1.85
H MSE B 167 18.43 9.70 -2.53
HA MSE B 167 19.87 11.53 -1.22
HB2 MSE B 167 17.05 11.25 -1.44
HB3 MSE B 167 17.76 12.49 -0.75
HG2 MSE B 167 18.58 13.22 -2.73
HG3 MSE B 167 18.15 11.87 -3.45
HE1 MSE B 167 15.32 15.17 -1.95
HE2 MSE B 167 16.15 14.23 -0.98
HE3 MSE B 167 16.90 15.25 -1.94
N GLY B 168 18.95 9.08 0.38
CA GLY B 168 19.00 8.45 1.69
C GLY B 168 17.74 8.58 2.51
N MSE B 169 16.59 8.68 1.86
CA MSE B 169 15.34 8.83 2.57
C MSE B 169 14.24 8.18 1.75
O MSE B 169 14.48 7.74 0.63
CB MSE B 169 15.03 10.30 2.85
CG MSE B 169 15.11 11.19 1.63
SE MSE B 169 15.07 13.12 2.03
CE MSE B 169 16.95 13.45 2.44
H MSE B 169 16.52 8.66 1.00
HA MSE B 169 15.39 8.41 3.44
HB2 MSE B 169 14.14 10.37 3.21
HB3 MSE B 169 15.68 10.64 3.50
HG2 MSE B 169 15.94 11.01 1.17
HG3 MSE B 169 14.36 11.00 1.05
HE1 MSE B 169 17.07 14.38 2.67
HE2 MSE B 169 17.22 12.88 3.18
HE3 MSE B 169 17.49 13.24 1.65
N SER B 170 13.04 8.09 2.32
CA SER B 170 11.90 7.60 1.58
C SER B 170 11.47 8.64 0.55
N PHE B 171 10.75 8.20 -0.48
CA PHE B 171 10.27 9.15 -1.47
C PHE B 171 9.37 10.20 -0.81
N ALA B 172 8.52 9.78 0.11
CA ALA B 172 7.67 10.75 0.81
C ALA B 172 8.51 11.80 1.52
N GLN B 173 9.58 11.38 2.21
CA GLN B 173 10.44 12.34 2.89
C GLN B 173 11.11 13.26 1.88
N ALA B 174 11.60 12.70 0.79
CA ALA B 174 12.29 13.52 -0.20
C ALA B 174 11.35 14.56 -0.78
N ALA B 175 10.12 14.16 -1.09
CA ALA B 175 9.15 15.11 -1.64
C ALA B 175 8.76 16.15 -0.59
N GLN B 176 8.43 15.71 0.62
CA GLN B 176 7.85 16.63 1.57
C GLN B 176 8.88 17.46 2.32
N ASP B 177 10.09 16.94 2.51
CA ASP B 177 11.12 17.66 3.23
C ASP B 177 12.03 18.49 2.34
N VAL B 178 12.17 18.11 1.07
CA VAL B 178 13.14 18.77 0.20
C VAL B 178 12.43 19.47 -0.96
N LEU B 179 11.67 18.71 -1.75
CA LEU B 179 11.14 19.24 -3.01
C LEU B 179 10.04 20.27 -2.77
N PHE B 180 8.98 19.88 -2.05
CA PHE B 180 7.84 20.80 -1.92
C PHE B 180 8.27 22.09 -1.21
N PRO B 181 9.09 22.05 -0.16
CA PRO B 181 9.56 23.32 0.43
C PRO B 181 10.35 24.19 -0.52
N ALA B 182 11.21 23.58 -1.34
CA ALA B 182 11.97 24.35 -2.32
C ALA B 182 11.05 25.04 -3.32
N MSE B 183 9.90 24.44 -3.61
CA MSE B 183 8.92 25.00 -4.52
C MSE B 183 8.00 26.02 -3.84
O MSE B 183 7.21 26.69 -4.51
CB MSE B 183 8.07 23.89 -5.12
CG MSE B 183 8.83 22.90 -5.99
SE MSE B 183 7.61 21.47 -6.56
CE MSE B 183 8.66 20.72 -8.03
H MSE B 183 9.65 23.68 -3.28
HA MSE B 183 9.42 25.46 -5.22
HB2 MSE B 183 7.66 23.39 -4.40
HB3 MSE B 183 7.39 24.30 -5.68
HG2 MSE B 183 9.17 23.35 -6.78
HG3 MSE B 183 9.55 22.52 -5.48
HE1 MSE B 183 8.20 19.94 -8.37
HE2 MSE B 183 8.74 21.39 -8.72
HE3 MSE B 183 9.53 20.48 -7.69
N GLY B 184 8.09 26.10 -2.52
CA GLY B 184 7.26 27.03 -1.79
C GLY B 184 5.82 26.60 -1.63
N LEU B 185 5.55 25.30 -1.68
CA LEU B 185 4.19 24.81 -1.59
C LEU B 185 3.75 24.80 -0.13
N GLY B 186 2.45 24.99 0.09
CA GLY B 186 1.92 25.04 1.45
C GLY B 186 0.85 24.02 1.78
N SER B 187 0.43 23.22 0.79
CA SER B 187 -0.65 22.26 1.03
C SER B 187 -0.54 21.09 0.05
N THR B 188 0.69 20.67 -0.25
CA THR B 188 0.95 19.54 -1.14
C THR B 188 1.59 18.43 -0.32
N TYR B 189 1.12 17.20 -0.53
CA TYR B 189 1.49 16.10 0.33
C TYR B 189 1.66 14.82 -0.46
N VAL B 190 2.51 13.93 0.04
CA VAL B 190 2.43 12.53 -0.29
C VAL B 190 1.62 11.74 0.71
N ASP B 191 1.70 12.14 1.97
CA ASP B 191 0.90 11.57 3.06
C ASP B 191 0.10 12.71 3.68
N VAL B 192 -1.21 12.73 3.46
CA VAL B 192 -2.01 13.86 3.97
C VAL B 192 -2.15 13.75 5.49
N PRO B 193 -1.81 14.79 6.24
CA PRO B 193 -1.89 14.73 7.70
C PRO B 193 -3.26 15.17 8.21
N ASP B 194 -3.47 14.93 9.51
CA ASP B 194 -4.78 15.22 10.08
C ASP B 194 -5.16 16.69 9.92
N ASP B 195 -4.20 17.61 10.06
CA ASP B 195 -4.53 19.03 10.06
C ASP B 195 -5.03 19.52 8.70
N ALA B 196 -4.90 18.71 7.66
CA ALA B 196 -5.33 19.04 6.31
C ALA B 196 -6.59 18.30 5.88
N MSE B 197 -7.06 17.35 6.67
CA MSE B 197 -8.19 16.53 6.26
C MSE B 197 -9.45 17.32 5.96
O MSE B 197 -10.22 16.93 5.07
CB MSE B 197 -8.49 15.49 7.36
CG MSE B 197 -7.47 14.39 7.47
SE MSE B 197 -7.68 13.08 6.05
CE MSE B 197 -5.85 12.40 6.01
H MSE B 197 -6.75 17.17 7.46
HA MSE B 197 -7.92 16.08 5.45
HB2 MSE B 197 -8.54 15.95 8.22
HB3 MSE B 197 -9.35 15.08 7.17
HG2 MSE B 197 -6.58 14.77 7.41
HG3 MSE B 197 -7.57 13.94 8.33
HE1 MSE B 197 -5.77 11.76 5.30
HE2 MSE B 197 -5.24 13.14 5.86
HE3 MSE B 197 -5.65 11.99 6.87
N ASP B 198 -9.68 18.42 6.68
CA ASP B 198 -10.86 19.25 6.47
C ASP B 198 -10.98 19.70 5.02
N ARG B 199 -9.86 19.81 4.32
CA ARG B 199 -9.82 20.29 2.93
C ARG B 199 -9.59 19.20 1.91
N TYR B 200 -9.52 17.93 2.32
CA TYR B 200 -9.21 16.82 1.41
C TYR B 200 -10.50 16.35 0.77
N ALA B 201 -10.65 16.61 -0.52
CA ALA B 201 -11.83 16.20 -1.25
C ALA B 201 -11.96 14.68 -1.28
N PHE B 202 -13.19 14.22 -1.41
CA PHE B 202 -13.45 12.82 -1.73
C PHE B 202 -13.61 12.70 -3.23
N GLY B 203 -13.16 11.57 -3.76
CA GLY B 203 -13.37 11.23 -5.15
C GLY B 203 -14.59 10.33 -5.25
N TYR B 204 -15.29 10.40 -6.38
CA TYR B 204 -16.57 9.71 -6.52
C TYR B 204 -16.51 8.74 -7.69
N ASP B 205 -16.61 7.46 -7.36
CA ASP B 205 -16.48 6.40 -8.34
C ASP B 205 -17.52 6.55 -9.44
N ARG B 206 -17.10 6.30 -10.69
N ARG B 206 -17.11 6.28 -10.68
CA ARG B 206 -17.99 6.48 -11.83
CA ARG B 206 -17.99 6.48 -11.83
C ARG B 206 -19.20 5.55 -11.74
C ARG B 206 -19.19 5.54 -11.79
N LYS B 207 -18.95 4.27 -11.51
CA LYS B 207 -20.02 3.27 -11.60
C LYS B 207 -20.92 3.30 -10.38
N THR B 208 -20.36 3.52 -9.19
CA THR B 208 -21.12 3.41 -7.96
C THR B 208 -21.46 4.74 -7.31
N ASP B 209 -20.80 5.83 -7.70
CA ASP B 209 -20.96 7.14 -7.08
C ASP B 209 -20.50 7.16 -5.63
N ALA B 210 -19.81 6.13 -5.17
CA ALA B 210 -19.40 6.10 -3.78
C ALA B 210 -18.11 6.90 -3.59
N PRO B 211 -17.92 7.49 -2.41
CA PRO B 211 -16.63 8.13 -2.12
C PRO B 211 -15.53 7.08 -2.13
N ILE B 212 -14.45 7.35 -2.85
CA ILE B 212 -13.36 6.40 -2.99
C ILE B 212 -12.03 7.15 -2.89
N ARG B 213 -11.04 6.48 -2.35
CA ARG B 213 -9.76 7.08 -1.98
C ARG B 213 -8.64 6.24 -2.58
N VAL B 214 -7.63 6.90 -3.14
CA VAL B 214 -6.48 6.17 -3.67
C VAL B 214 -5.83 5.42 -2.52
N ASN B 215 -5.47 4.16 -2.78
CA ASN B 215 -4.94 3.31 -1.73
C ASN B 215 -3.47 3.00 -1.94
N PRO B 216 -2.79 2.54 -0.89
CA PRO B 216 -1.38 2.14 -1.03
C PRO B 216 -1.18 1.06 -2.07
N GLY B 217 0.03 1.01 -2.60
CA GLY B 217 0.38 0.04 -3.61
C GLY B 217 1.86 0.10 -3.86
N VAL B 218 2.37 -0.90 -4.57
CA VAL B 218 3.78 -0.91 -4.88
C VAL B 218 4.08 0.29 -5.77
N LEU B 219 5.03 1.12 -5.34
CA LEU B 219 5.45 2.31 -6.07
C LEU B 219 4.35 3.36 -6.16
N ALA B 220 3.33 3.28 -5.31
CA ALA B 220 2.25 4.25 -5.38
C ALA B 220 2.73 5.66 -5.03
N ASP B 221 3.55 5.79 -3.99
CA ASP B 221 4.04 7.11 -3.61
C ASP B 221 4.79 7.75 -4.77
N GLU B 222 5.59 6.95 -5.47
CA GLU B 222 6.52 7.42 -6.48
C GLU B 222 5.83 7.70 -7.81
N ALA B 223 4.75 7.00 -8.12
CA ALA B 223 4.09 7.12 -9.41
C ALA B 223 2.79 7.92 -9.37
N TYR B 224 2.05 7.88 -8.26
CA TYR B 224 0.75 8.56 -8.23
C TYR B 224 0.41 9.00 -6.81
N GLY B 225 1.42 9.43 -6.06
CA GLY B 225 1.25 9.64 -4.65
C GLY B 225 0.98 11.04 -4.18
N VAL B 226 0.92 12.02 -5.06
CA VAL B 226 0.85 13.41 -4.61
C VAL B 226 -0.58 13.90 -4.61
N LYS B 227 -0.91 14.69 -3.60
CA LYS B 227 -2.18 15.39 -3.49
C LYS B 227 -1.87 16.87 -3.32
N SER B 228 -2.67 17.73 -3.96
CA SER B 228 -2.32 19.15 -3.99
C SER B 228 -3.57 19.97 -4.23
N THR B 229 -3.39 21.29 -4.25
CA THR B 229 -4.48 22.24 -4.39
C THR B 229 -4.26 23.04 -5.66
N ALA B 230 -5.33 23.65 -6.18
CA ALA B 230 -5.15 24.51 -7.35
C ALA B 230 -4.16 25.62 -7.04
N ARG B 231 -4.21 26.15 -5.82
CA ARG B 231 -3.32 27.24 -5.45
C ARG B 231 -1.86 26.81 -5.49
N ASP B 232 -1.54 25.65 -4.90
CA ASP B 232 -0.17 25.16 -4.96
C ASP B 232 0.23 24.79 -6.38
N MSE B 233 -0.68 24.25 -7.17
CA MSE B 233 -0.31 23.90 -8.54
C MSE B 233 0.02 25.15 -9.37
O MSE B 233 0.91 25.08 -10.22
CB MSE B 233 -1.43 23.08 -9.19
CG MSE B 233 -1.54 21.68 -8.56
SE MSE B 233 0.10 20.61 -8.68
CE MSE B 233 0.04 20.29 -10.59
H MSE B 233 -1.50 24.09 -6.95
HA MSE B 233 0.47 23.34 -8.52
HB2 MSE B 233 -2.27 23.54 -9.08
HB3 MSE B 233 -1.23 22.98 -10.13
HG2 MSE B 233 -1.76 21.77 -7.62
HG3 MSE B 233 -2.25 21.19 -9.02
HE1 MSE B 233 0.80 19.75 -10.85
HE2 MSE B 233 -0.79 19.81 -10.81
HE3 MSE B 233 0.05 21.14 -11.05
N LEU B 234 -0.63 26.28 -9.10
CA LEU B 234 -0.22 27.51 -9.79
C LEU B 234 1.18 27.95 -9.35
N ARG B 235 1.56 27.66 -8.09
CA ARG B 235 2.92 27.98 -7.68
C ARG B 235 3.92 27.18 -8.50
N LEU B 236 3.62 25.90 -8.72
CA LEU B 236 4.50 25.07 -9.53
C LEU B 236 4.55 25.58 -10.97
N LEU B 237 3.39 25.88 -11.53
CA LEU B 237 3.34 26.33 -12.92
C LEU B 237 4.08 27.65 -13.09
N ASP B 238 4.00 28.54 -12.09
CA ASP B 238 4.78 29.77 -12.13
C ASP B 238 6.27 29.47 -12.21
N LEU B 239 6.74 28.49 -11.43
CA LEU B 239 8.15 28.11 -11.49
C LEU B 239 8.51 27.55 -12.86
N GLU B 240 7.63 26.72 -13.43
CA GLU B 240 7.87 26.18 -14.77
C GLU B 240 7.86 27.24 -15.86
N LEU B 241 7.07 28.30 -15.68
CA LEU B 241 6.98 29.42 -16.61
C LEU B 241 8.14 30.38 -16.49
N GLY B 242 9.05 30.11 -15.56
CA GLY B 242 10.18 30.98 -15.34
C GLY B 242 9.82 32.29 -14.68
N ARG B 243 8.80 32.30 -13.83
CA ARG B 243 8.44 33.54 -13.17
C ARG B 243 9.41 33.89 -12.05
N GLY B 244 10.30 32.96 -11.67
CA GLY B 244 11.28 33.20 -10.64
C GLY B 244 10.81 32.76 -9.27
N GLY B 245 11.75 32.72 -8.34
CA GLY B 245 11.44 32.42 -6.95
C GLY B 245 12.03 31.14 -6.42
N ALA B 246 12.57 30.29 -7.28
CA ALA B 246 13.22 29.06 -6.86
C ALA B 246 14.74 29.21 -6.90
N ASN B 247 15.42 28.43 -6.06
CA ASN B 247 16.86 28.47 -6.03
C ASN B 247 17.41 27.96 -7.37
N PRO B 248 18.68 28.25 -7.66
CA PRO B 248 19.22 27.87 -8.97
C PRO B 248 19.18 26.37 -9.25
N ALA B 249 19.35 25.52 -8.24
CA ALA B 249 19.31 24.07 -8.46
C ALA B 249 17.92 23.62 -8.90
N LEU B 250 16.88 24.08 -8.20
CA LEU B 250 15.51 23.74 -8.58
C LEU B 250 15.18 24.31 -9.96
N THR B 251 15.58 25.55 -10.22
CA THR B 251 15.33 26.12 -11.55
C THR B 251 15.97 25.28 -12.64
N ALA B 252 17.23 24.87 -12.43
CA ALA B 252 17.90 24.01 -13.40
C ALA B 252 17.19 22.68 -13.57
N ALA B 253 16.69 22.12 -12.47
CA ALA B 253 15.98 20.85 -12.51
C ALA B 253 14.69 20.98 -13.30
N LEU B 254 13.92 22.04 -13.06
CA LEU B 254 12.71 22.24 -13.83
C LEU B 254 13.03 22.36 -15.31
N GLU B 255 14.04 23.15 -15.64
CA GLU B 255 14.41 23.30 -17.05
C GLU B 255 14.79 21.96 -17.66
N ARG B 256 15.56 21.15 -16.93
CA ARG B 256 15.94 19.84 -17.44
C ARG B 256 14.72 19.01 -17.80
N THR B 257 13.66 19.08 -16.98
CA THR B 257 12.50 18.25 -17.27
C THR B 257 11.76 18.71 -18.53
N ARG B 258 11.97 19.95 -18.98
CA ARG B 258 11.28 20.47 -20.16
C ARG B 258 12.12 20.34 -21.43
N GLN B 259 13.28 19.71 -21.34
CA GLN B 259 14.00 19.34 -22.55
C GLN B 259 13.22 18.26 -23.30
N GLY B 260 13.23 18.34 -24.62
CA GLY B 260 12.59 17.33 -25.44
C GLY B 260 13.51 16.15 -25.64
N GLN B 261 13.06 14.96 -25.23
CA GLN B 261 13.91 13.78 -25.24
C GLN B 261 13.64 12.84 -26.40
N ALA B 262 12.40 12.79 -26.87
CA ALA B 262 12.02 11.86 -27.92
C ALA B 262 10.82 12.44 -28.66
N GLU B 263 10.65 12.01 -29.90
CA GLU B 263 9.51 12.43 -30.71
C GLU B 263 8.59 11.24 -30.91
N THR B 264 7.29 11.46 -30.71
CA THR B 264 6.27 10.48 -31.05
C THR B 264 5.45 11.00 -32.24
N ALA B 265 4.43 10.20 -32.61
CA ALA B 265 3.56 10.57 -33.71
C ALA B 265 2.80 11.85 -33.44
N TYR B 266 2.59 12.21 -32.18
CA TYR B 266 1.75 13.37 -31.86
C TYR B 266 2.45 14.49 -31.11
N TYR B 267 3.56 14.23 -30.42
CA TYR B 267 4.16 15.24 -29.57
C TYR B 267 5.60 14.88 -29.29
N THR B 268 6.28 15.86 -28.69
CA THR B 268 7.62 15.69 -28.16
C THR B 268 7.50 15.25 -26.70
N GLN B 269 8.16 14.15 -26.36
CA GLN B 269 8.16 13.63 -25.00
C GLN B 269 9.32 14.26 -24.24
N ASP B 270 8.99 15.00 -23.17
CA ASP B 270 9.98 15.54 -22.26
C ASP B 270 10.14 14.55 -21.09
N MSE B 271 10.61 15.00 -19.95
CA MSE B 271 10.55 14.19 -18.73
C MSE B 271 9.12 14.35 -18.19
O MSE B 271 8.81 15.36 -17.59
CB MSE B 271 11.58 14.60 -17.69
CG MSE B 271 13.01 14.30 -18.12
SE MSE B 271 14.34 14.76 -16.78
CE MSE B 271 13.85 13.46 -15.39
H MSE B 271 10.97 15.78 -19.84
HA MSE B 271 10.77 13.26 -18.92
HB2 MSE B 271 11.51 15.55 -17.55
HB3 MSE B 271 11.41 14.11 -16.87
HG2 MSE B 271 13.08 13.35 -18.30
HG3 MSE B 271 13.20 14.80 -18.92
HE1 MSE B 271 14.43 13.58 -14.62
HE2 MSE B 271 12.93 13.60 -15.13
HE3 MSE B 271 13.96 12.56 -15.75
N ILE B 272 8.31 13.33 -18.46
CA ILE B 272 6.90 13.22 -18.10
C ILE B 272 6.04 14.21 -18.90
N TRP B 273 6.39 15.50 -18.91
CA TRP B 273 5.63 16.44 -19.73
C TRP B 273 5.59 15.97 -21.18
N GLU B 274 4.45 16.22 -21.83
CA GLU B 274 4.23 15.92 -23.24
C GLU B 274 3.92 17.23 -23.95
N GLN B 275 4.58 17.49 -25.07
CA GLN B 275 4.73 18.84 -25.61
C GLN B 275 4.31 18.93 -27.07
N TYR B 276 3.38 19.83 -27.36
CA TYR B 276 2.87 20.12 -28.69
C TYR B 276 3.28 21.51 -29.13
N PRO B 277 3.29 21.80 -30.42
CA PRO B 277 3.39 23.20 -30.85
C PRO B 277 2.22 23.99 -30.29
N TRP B 278 2.38 25.31 -30.24
CA TRP B 278 1.23 26.17 -30.01
C TRP B 278 1.27 27.28 -31.05
N PRO B 279 0.19 27.50 -31.81
CA PRO B 279 -1.08 26.78 -31.76
C PRO B 279 -1.01 25.35 -32.29
N VAL B 280 -2.06 24.58 -31.96
CA VAL B 280 -2.18 23.19 -32.41
C VAL B 280 -3.67 22.85 -32.47
N ASP B 281 -4.02 22.01 -33.45
CA ASP B 281 -5.38 21.51 -33.56
C ASP B 281 -5.76 20.70 -32.33
N VAL B 282 -6.94 20.96 -31.77
CA VAL B 282 -7.31 20.25 -30.55
C VAL B 282 -7.38 18.75 -30.81
N ALA B 283 -7.79 18.35 -32.02
CA ALA B 283 -7.92 16.93 -32.32
C ALA B 283 -6.60 16.19 -32.17
N ARG B 284 -5.49 16.87 -32.41
CA ARG B 284 -4.17 16.25 -32.27
C ARG B 284 -3.85 16.01 -30.80
N MSE B 285 -4.23 16.93 -29.93
CA MSE B 285 -4.01 16.78 -28.50
C MSE B 285 -4.97 15.70 -27.96
O MSE B 285 -4.62 14.97 -27.05
CB MSE B 285 -4.22 18.10 -27.76
CG MSE B 285 -3.19 19.16 -28.11
SE MSE B 285 -3.35 20.73 -26.95
CE MSE B 285 -2.73 19.94 -25.30
H MSE B 285 -4.62 17.67 -30.15
HA MSE B 285 -3.10 16.51 -28.33
HB2 MSE B 285 -5.10 18.44 -27.99
HB3 MSE B 285 -4.17 17.93 -26.81
HG2 MSE B 285 -2.30 18.79 -28.00
HG3 MSE B 285 -3.32 19.45 -29.03
HE1 MSE B 285 -2.74 20.62 -24.61
HE2 MSE B 285 -3.34 19.22 -25.05
HE3 MSE B 285 -1.84 19.59 -25.42
N GLU B 286 -6.17 15.59 -28.54
CA GLU B 286 -7.07 14.53 -28.13
C GLU B 286 -6.50 13.16 -28.50
N ALA B 287 -5.95 13.04 -29.71
CA ALA B 287 -5.33 11.80 -30.14
C ALA B 287 -4.12 11.45 -29.27
N GLY B 288 -3.28 12.44 -28.97
CA GLY B 288 -2.09 12.16 -28.19
C GLY B 288 -2.41 11.78 -26.76
N ASN B 289 -3.53 12.26 -26.24
CA ASN B 289 -4.03 11.89 -24.92
C ASN B 289 -5.08 10.79 -25.03
N GLY B 290 -5.17 10.16 -26.19
CA GLY B 290 -6.20 9.20 -26.42
C GLY B 290 -5.90 7.87 -25.77
N TYR B 291 -6.98 7.17 -25.42
CA TYR B 291 -6.89 5.90 -24.71
C TYR B 291 -5.98 4.92 -25.45
N ASP B 292 -6.15 4.82 -26.76
CA ASP B 292 -5.41 3.81 -27.50
C ASP B 292 -3.96 4.17 -27.74
N PHE B 293 -3.62 5.45 -27.79
CA PHE B 293 -2.22 5.82 -27.87
C PHE B 293 -1.51 5.50 -26.55
N ILE B 294 -2.21 5.70 -25.44
CA ILE B 294 -1.61 5.56 -24.12
C ILE B 294 -1.42 4.10 -23.76
N LEU B 295 -2.35 3.23 -24.12
CA LEU B 295 -2.33 1.91 -23.52
C LEU B 295 -1.48 0.89 -24.27
N SER B 296 -0.93 1.24 -25.43
CA SER B 296 -0.11 0.32 -26.20
C SER B 296 1.23 0.96 -26.52
N PRO B 297 2.27 0.15 -26.74
CA PRO B 297 3.57 0.73 -27.11
C PRO B 297 3.50 1.44 -28.45
N GLN B 298 4.19 2.59 -28.53
CA GLN B 298 4.15 3.44 -29.70
C GLN B 298 5.57 3.77 -30.16
N PRO B 299 5.80 3.88 -31.47
CA PRO B 299 7.14 4.24 -31.94
C PRO B 299 7.57 5.61 -31.41
N ALA B 300 8.86 5.71 -31.09
CA ALA B 300 9.45 6.96 -30.61
C ALA B 300 10.87 7.04 -31.15
N THR B 301 11.31 8.24 -31.51
N THR B 301 11.32 8.26 -31.41
CA THR B 301 12.68 8.46 -31.93
CA THR B 301 12.65 8.53 -31.95
C THR B 301 13.36 9.37 -30.92
C THR B 301 13.40 9.44 -30.99
N ARG B 302 14.59 9.01 -30.55
CA ARG B 302 15.35 9.75 -29.57
C ARG B 302 15.95 11.01 -30.17
N LEU B 303 15.94 12.08 -29.39
CA LEU B 303 16.64 13.32 -29.71
C LEU B 303 17.96 13.33 -28.95
N THR B 304 19.06 13.52 -29.69
CA THR B 304 20.40 13.47 -29.11
C THR B 304 21.26 14.52 -29.79
N PRO B 305 21.63 15.62 -29.13
CA PRO B 305 21.22 16.04 -27.77
C PRO B 305 19.75 16.40 -27.71
N PRO B 306 19.20 16.56 -26.51
CA PRO B 306 17.79 16.92 -26.39
C PRO B 306 17.48 18.29 -26.98
N LEU B 307 16.21 18.48 -27.30
CA LEU B 307 15.71 19.78 -27.67
C LEU B 307 15.65 20.69 -26.44
N PRO B 308 16.22 21.90 -26.48
CA PRO B 308 16.13 22.78 -25.30
C PRO B 308 14.70 23.13 -24.97
N PRO B 309 14.41 23.53 -23.73
CA PRO B 309 13.04 23.98 -23.41
C PRO B 309 12.56 25.03 -24.41
N GLN B 310 11.35 24.81 -24.93
CA GLN B 310 10.84 25.59 -26.04
C GLN B 310 9.91 26.71 -25.58
N ARG B 311 9.75 27.69 -26.46
N ARG B 311 9.75 27.69 -26.45
CA ARG B 311 8.92 28.85 -26.15
CA ARG B 311 8.91 28.84 -26.13
C ARG B 311 7.47 28.65 -26.61
C ARG B 311 7.47 28.63 -26.60
N ASP B 312 7.26 28.45 -27.90
CA ASP B 312 5.91 28.50 -28.46
C ASP B 312 5.34 27.09 -28.60
N VAL B 313 5.10 26.50 -27.43
CA VAL B 313 4.60 25.16 -27.28
C VAL B 313 3.53 25.15 -26.19
N ILE B 314 2.80 24.04 -26.11
CA ILE B 314 1.96 23.71 -24.96
C ILE B 314 2.46 22.39 -24.40
N LEU B 315 2.85 22.39 -23.14
CA LEU B 315 3.17 21.19 -22.39
C LEU B 315 1.95 20.76 -21.60
N ASN B 316 1.69 19.46 -21.52
CA ASN B 316 0.53 19.03 -20.75
C ASN B 316 0.78 17.69 -20.07
N LYS B 317 -0.06 17.41 -19.07
CA LYS B 317 -0.08 16.10 -18.44
C LYS B 317 -1.47 15.87 -17.86
N THR B 318 -2.03 14.69 -18.15
CA THR B 318 -3.24 14.21 -17.51
C THR B 318 -2.90 13.37 -16.29
N GLY B 319 -3.79 13.37 -15.32
CA GLY B 319 -3.60 12.53 -14.16
C GLY B 319 -4.93 12.17 -13.53
N ALA B 320 -5.12 10.90 -13.20
CA ALA B 320 -6.37 10.48 -12.62
C ALA B 320 -6.15 9.38 -11.59
N THR B 321 -7.16 9.21 -10.75
CA THR B 321 -7.31 8.04 -9.90
C THR B 321 -8.72 7.51 -10.11
N ASN B 322 -9.10 6.47 -9.35
CA ASN B 322 -10.46 5.97 -9.50
C ASN B 322 -11.49 7.05 -9.21
N GLY B 323 -11.14 8.01 -8.35
CA GLY B 323 -12.08 9.02 -7.93
C GLY B 323 -11.83 10.42 -8.46
N PHE B 324 -10.72 10.64 -9.18
CA PHE B 324 -10.31 12.00 -9.55
C PHE B 324 -9.84 12.07 -11.00
N GLY B 325 -10.02 13.24 -11.60
CA GLY B 325 -9.52 13.52 -12.93
C GLY B 325 -8.93 14.93 -13.02
N GLY B 326 -7.64 15.02 -13.35
CA GLY B 326 -6.94 16.28 -13.36
C GLY B 326 -6.19 16.51 -14.67
N TYR B 327 -5.80 17.76 -14.87
CA TYR B 327 -5.09 18.16 -16.07
C TYR B 327 -4.26 19.40 -15.77
N VAL B 328 -3.05 19.44 -16.31
CA VAL B 328 -2.24 20.64 -16.25
C VAL B 328 -1.70 20.96 -17.64
N ALA B 329 -1.64 22.25 -17.95
CA ALA B 329 -1.10 22.73 -19.21
C ALA B 329 -0.23 23.97 -18.97
N LEU B 330 0.83 24.08 -19.75
CA LEU B 330 1.83 25.13 -19.65
C LEU B 330 2.08 25.68 -21.04
N LEU B 331 1.94 27.00 -21.22
CA LEU B 331 2.22 27.66 -22.50
C LEU B 331 3.29 28.73 -22.27
N PRO B 332 4.58 28.39 -22.37
CA PRO B 332 5.61 29.34 -21.97
C PRO B 332 5.60 30.63 -22.77
N GLY B 333 5.32 30.52 -24.06
CA GLY B 333 5.30 31.69 -24.92
C GLY B 333 4.12 32.61 -24.68
N GLN B 334 3.11 32.13 -23.95
CA GLN B 334 1.97 32.94 -23.57
C GLN B 334 1.97 33.29 -22.08
N ASP B 335 3.03 32.93 -21.35
CA ASP B 335 3.11 33.19 -19.92
C ASP B 335 1.89 32.63 -19.19
N LEU B 336 1.45 31.45 -19.63
CA LEU B 336 0.15 30.92 -19.23
C LEU B 336 0.28 29.51 -18.68
N GLY B 337 -0.31 29.28 -17.53
CA GLY B 337 -0.41 27.93 -16.96
C GLY B 337 -1.81 27.71 -16.45
N ILE B 338 -2.30 26.48 -16.66
CA ILE B 338 -3.65 26.12 -16.26
C ILE B 338 -3.63 24.79 -15.53
N VAL B 339 -4.37 24.71 -14.42
CA VAL B 339 -4.57 23.45 -13.71
C VAL B 339 -6.08 23.26 -13.56
N VAL B 340 -6.57 22.06 -13.85
CA VAL B 340 -7.97 21.72 -13.73
C VAL B 340 -8.07 20.47 -12.86
N LEU B 341 -8.65 20.61 -11.67
CA LEU B 341 -8.77 19.51 -10.73
C LEU B 341 -10.24 19.17 -10.52
N ALA B 342 -10.58 17.88 -10.58
CA ALA B 342 -11.95 17.45 -10.41
C ALA B 342 -11.99 16.18 -9.56
N ASN B 343 -13.05 16.03 -8.78
CA ASN B 343 -13.22 14.80 -7.99
C ASN B 343 -14.15 13.83 -8.68
N ARG B 344 -14.00 13.73 -10.00
CA ARG B 344 -14.56 12.67 -10.81
C ARG B 344 -13.54 12.34 -11.88
N ASN B 345 -13.29 11.06 -12.11
CA ASN B 345 -12.47 10.63 -13.24
C ASN B 345 -13.35 10.74 -14.48
N TYR B 346 -13.03 11.66 -15.38
CA TYR B 346 -13.74 11.81 -16.63
C TYR B 346 -12.70 11.79 -17.75
N PRO B 347 -13.12 11.51 -19.00
CA PRO B 347 -12.13 11.10 -20.02
C PRO B 347 -11.07 12.14 -20.31
N ASN B 348 -9.84 11.65 -20.51
CA ASN B 348 -8.74 12.52 -20.87
C ASN B 348 -9.12 13.46 -22.00
N GLU B 349 -9.75 12.90 -23.05
CA GLU B 349 -10.06 13.70 -24.22
C GLU B 349 -11.01 14.84 -23.87
N ALA B 350 -11.89 14.64 -22.89
CA ALA B 350 -12.82 15.68 -22.49
C ALA B 350 -12.10 16.78 -21.72
N ARG B 351 -11.15 16.40 -20.85
CA ARG B 351 -10.32 17.41 -20.18
C ARG B 351 -9.59 18.26 -21.20
N VAL B 352 -9.04 17.62 -22.22
CA VAL B 352 -8.27 18.31 -23.25
C VAL B 352 -9.16 19.27 -24.02
N ARG B 353 -10.33 18.81 -24.47
CA ARG B 353 -11.21 19.65 -25.28
C ARG B 353 -11.65 20.88 -24.50
N ALA B 354 -12.06 20.69 -23.24
CA ALA B 354 -12.55 21.81 -22.44
C ALA B 354 -11.42 22.79 -22.13
N THR B 355 -10.23 22.30 -21.81
CA THR B 355 -9.12 23.19 -21.51
C THR B 355 -8.63 23.91 -22.76
N HIS B 356 -8.59 23.24 -23.90
CA HIS B 356 -8.16 23.90 -25.13
C HIS B 356 -9.11 25.03 -25.48
N ALA B 357 -10.42 24.82 -25.27
CA ALA B 357 -11.37 25.89 -25.49
C ALA B 357 -11.16 27.03 -24.51
N LEU B 358 -10.93 26.72 -23.23
CA LEU B 358 -10.64 27.77 -22.26
C LEU B 358 -9.44 28.59 -22.70
N ILE B 359 -8.33 27.92 -23.04
CA ILE B 359 -7.13 28.63 -23.47
C ILE B 359 -7.43 29.50 -24.68
N THR B 360 -8.08 28.92 -25.69
CA THR B 360 -8.39 29.68 -26.91
C THR B 360 -9.19 30.93 -26.59
N ASP B 361 -10.24 30.79 -25.77
CA ASP B 361 -11.10 31.93 -25.46
C ASP B 361 -10.38 32.95 -24.59
N LEU B 362 -9.49 32.48 -23.69
CA LEU B 362 -8.72 33.37 -22.84
C LEU B 362 -7.76 34.23 -23.67
N LEU B 363 -6.98 33.60 -24.53
CA LEU B 363 -6.01 34.36 -25.31
C LEU B 363 -6.70 35.30 -26.29
N ALA B 364 -7.91 34.95 -26.71
CA ALA B 364 -8.65 35.79 -27.64
C ALA B 364 -9.05 37.13 -27.01
N THR B 365 -9.00 37.23 -25.68
CA THR B 365 -9.39 38.48 -25.05
C THR B 365 -8.39 39.59 -25.31
N GLN B 366 -7.12 39.26 -25.53
CA GLN B 366 -6.09 40.26 -25.82
C GLN B 366 -5.86 40.41 -27.32
N ASP B 367 -6.83 39.98 -28.14
CA ASP B 367 -6.75 40.18 -29.58
C ASP B 367 -7.23 41.58 -29.96
C ACT C . 0.89 4.06 31.42
O ACT C . 1.10 3.16 32.28
OXT ACT C . 1.35 4.17 30.24
CH3 ACT C . -0.06 5.20 31.87
H1 ACT C . -0.81 5.26 31.25
H2 ACT C . 0.43 6.04 31.88
H3 ACT C . -0.40 5.01 32.76
#